data_4OTZ
#
_entry.id   4OTZ
#
_cell.length_a   98.738
_cell.length_b   100.952
_cell.length_c   150.458
_cell.angle_alpha   90.00
_cell.angle_beta   90.00
_cell.angle_gamma   90.00
#
_symmetry.space_group_name_H-M   'C 2 2 21'
#
loop_
_entity.id
_entity.type
_entity.pdbx_description
1 polymer 'Amino acid/amide ABC transporter substrate-binding protein, HAAT family'
2 non-polymer CYSTEINE
3 non-polymer 'MAGNESIUM ION'
4 water water
#
_entity_poly.entity_id   1
_entity_poly.type   'polypeptide(L)'
_entity_poly.pdbx_seq_one_letter_code
;SNATNTDTNSTNNSPNNTTNTTTNVTTTSDKNTIPIGIALAQTSNVALLGQEQVAGAKIAEKYFNDKGGVNGTPIKLIFQ
DTAGDEAGTINAFQTLINKDKVVGIVGPTLSQQAFSANPIAERAKVPVVGPSNTAKGIPEIGDYVARVSAPVSVVAPNSV
KAALKQNPNIKKVAVFFAQNDAFSKSETEIFQQTVKDQGLELVTVQKFQTTDTDFQSQATNAINLKPDLVIISGLAADGG
NLVRQLRELGYQGAIIGGDGLNTSNVFAVCKALCDGVLIAQAYSPEYTGEINKAFRQAYVDQYKKEPPQFSAQAFAAVQV
YVESLKALDTKNKVSKIQLPELRTELNKQLLTGKYNTPLGEISFTPIGEVVQKDFYVAQIK(MSE)EKDGSQGKFTFLK
;
_entity_poly.pdbx_strand_id   A,B
#
# COMPACT_ATOMS: atom_id res chain seq x y z
N ASN A 32 -10.02 20.53 -31.61
CA ASN A 32 -9.55 20.62 -30.24
C ASN A 32 -10.42 19.81 -29.26
N THR A 33 -9.77 19.00 -28.44
CA THR A 33 -10.46 18.10 -27.52
C THR A 33 -9.79 18.08 -26.16
N ILE A 34 -10.49 17.56 -25.16
CA ILE A 34 -9.94 17.44 -23.81
C ILE A 34 -9.57 15.99 -23.54
N PRO A 35 -8.27 15.73 -23.30
CA PRO A 35 -7.83 14.34 -23.16
C PRO A 35 -8.04 13.77 -21.76
N ILE A 36 -8.70 12.63 -21.69
CA ILE A 36 -8.89 11.92 -20.43
C ILE A 36 -8.27 10.54 -20.58
N GLY A 37 -7.41 10.18 -19.65
CA GLY A 37 -6.71 8.91 -19.74
C GLY A 37 -7.51 7.75 -19.19
N ILE A 38 -7.48 6.64 -19.91
CA ILE A 38 -8.12 5.40 -19.48
C ILE A 38 -7.02 4.35 -19.36
N ALA A 39 -6.72 3.96 -18.13
CA ALA A 39 -5.65 3.02 -17.86
C ALA A 39 -6.26 1.77 -17.24
N LEU A 40 -6.57 0.79 -18.09
CA LEU A 40 -7.27 -0.42 -17.67
C LEU A 40 -6.55 -1.63 -18.25
N ALA A 41 -6.87 -2.81 -17.72
CA ALA A 41 -6.26 -4.04 -18.21
C ALA A 41 -6.95 -4.47 -19.50
N GLN A 42 -6.28 -4.25 -20.62
CA GLN A 42 -6.81 -4.63 -21.93
C GLN A 42 -6.18 -5.92 -22.42
N THR A 43 -5.09 -6.31 -21.77
CA THR A 43 -4.44 -7.60 -22.03
C THR A 43 -4.16 -8.27 -20.68
N SER A 44 -3.74 -9.53 -20.75
CA SER A 44 -3.55 -10.44 -19.61
C SER A 44 -4.87 -11.00 -19.13
N ASN A 45 -4.83 -11.97 -18.22
CA ASN A 45 -6.06 -12.49 -17.64
C ASN A 45 -6.83 -11.45 -16.85
N VAL A 46 -6.17 -10.36 -16.46
CA VAL A 46 -6.86 -9.26 -15.78
C VAL A 46 -7.86 -8.59 -16.74
N ALA A 47 -7.63 -8.73 -18.05
CA ALA A 47 -8.56 -8.18 -19.04
C ALA A 47 -9.92 -8.89 -19.04
N LEU A 48 -10.02 -10.05 -18.40
CA LEU A 48 -11.32 -10.67 -18.21
C LEU A 48 -12.25 -9.77 -17.39
N LEU A 49 -11.66 -8.86 -16.61
CA LEU A 49 -12.41 -7.82 -15.92
CA LEU A 49 -12.42 -7.83 -15.91
C LEU A 49 -12.31 -6.50 -16.67
N GLY A 50 -11.09 -6.17 -17.10
CA GLY A 50 -10.82 -4.89 -17.74
C GLY A 50 -11.57 -4.62 -19.02
N GLN A 51 -11.79 -5.63 -19.85
CA GLN A 51 -12.45 -5.37 -21.12
C GLN A 51 -13.90 -4.90 -20.93
N GLU A 52 -14.56 -5.35 -19.86
CA GLU A 52 -15.91 -4.87 -19.58
C GLU A 52 -15.88 -3.40 -19.22
N GLN A 53 -14.82 -2.98 -18.53
CA GLN A 53 -14.65 -1.58 -18.19
C GLN A 53 -14.41 -0.75 -19.44
N VAL A 54 -13.55 -1.25 -20.32
CA VAL A 54 -13.29 -0.57 -21.58
C VAL A 54 -14.59 -0.35 -22.36
N ALA A 55 -15.43 -1.38 -22.40
CA ALA A 55 -16.71 -1.28 -23.09
C ALA A 55 -17.58 -0.15 -22.52
N GLY A 56 -17.64 -0.05 -21.20
CA GLY A 56 -18.41 1.00 -20.56
C GLY A 56 -17.84 2.39 -20.83
N ALA A 57 -16.51 2.47 -20.83
CA ALA A 57 -15.86 3.76 -21.09
C ALA A 57 -16.14 4.24 -22.52
N LYS A 58 -16.11 3.32 -23.47
CA LYS A 58 -16.37 3.68 -24.87
C LYS A 58 -17.82 4.13 -25.09
N ILE A 59 -18.75 3.46 -24.42
CA ILE A 59 -20.15 3.88 -24.47
C ILE A 59 -20.31 5.28 -23.88
N ALA A 60 -19.62 5.55 -22.78
CA ALA A 60 -19.65 6.87 -22.16
C ALA A 60 -19.10 7.93 -23.11
N GLU A 61 -17.99 7.64 -23.79
CA GLU A 61 -17.41 8.62 -24.70
C GLU A 61 -18.41 9.05 -25.77
N LYS A 62 -19.09 8.10 -26.37
CA LYS A 62 -20.09 8.42 -27.37
C LYS A 62 -21.28 9.17 -26.76
N TYR A 63 -21.77 8.69 -25.63
CA TYR A 63 -22.92 9.31 -24.97
C TYR A 63 -22.65 10.78 -24.67
N PHE A 64 -21.51 11.06 -24.06
CA PHE A 64 -21.21 12.43 -23.67
C PHE A 64 -20.79 13.32 -24.83
N ASN A 65 -20.06 12.77 -25.80
CA ASN A 65 -19.71 13.58 -26.97
C ASN A 65 -20.91 13.90 -27.84
N ASP A 66 -21.88 12.98 -27.91
CA ASP A 66 -23.13 13.23 -28.63
C ASP A 66 -23.93 14.34 -27.98
N LYS A 67 -23.66 14.60 -26.71
CA LYS A 67 -24.32 15.70 -25.99
C LYS A 67 -23.46 16.96 -25.97
N GLY A 68 -22.41 16.98 -26.79
CA GLY A 68 -21.59 18.17 -26.95
C GLY A 68 -20.33 18.18 -26.10
N GLY A 69 -20.01 17.06 -25.45
CA GLY A 69 -18.80 16.99 -24.66
C GLY A 69 -18.80 17.95 -23.48
N VAL A 70 -17.76 18.75 -23.38
CA VAL A 70 -17.66 19.74 -22.31
C VAL A 70 -18.00 21.10 -22.89
N ASN A 71 -19.28 21.49 -22.75
CA ASN A 71 -19.75 22.78 -23.24
C ASN A 71 -19.37 23.03 -24.71
N GLY A 72 -19.44 21.97 -25.51
CA GLY A 72 -19.16 22.07 -26.93
C GLY A 72 -17.83 21.47 -27.34
N THR A 73 -16.91 21.30 -26.38
CA THR A 73 -15.60 20.75 -26.68
C THR A 73 -15.62 19.25 -26.43
N PRO A 74 -15.35 18.44 -27.47
CA PRO A 74 -15.37 16.99 -27.27
C PRO A 74 -14.31 16.53 -26.28
N ILE A 75 -14.60 15.44 -25.57
CA ILE A 75 -13.54 14.76 -24.85
C ILE A 75 -12.89 13.77 -25.79
N LYS A 76 -11.67 13.37 -25.45
CA LYS A 76 -11.02 12.29 -26.17
C LYS A 76 -10.46 11.34 -25.13
N LEU A 77 -10.98 10.11 -25.11
CA LEU A 77 -10.44 9.11 -24.23
C LEU A 77 -9.16 8.54 -24.85
N ILE A 78 -8.10 8.53 -24.06
CA ILE A 78 -6.83 7.99 -24.52
C ILE A 78 -6.58 6.73 -23.72
N PHE A 79 -6.59 5.59 -24.41
CA PHE A 79 -6.44 4.29 -23.76
C PHE A 79 -4.98 3.88 -23.72
N GLN A 80 -4.49 3.58 -22.52
CA GLN A 80 -3.17 2.98 -22.36
C GLN A 80 -3.32 1.73 -21.52
N ASP A 81 -3.06 0.59 -22.14
CA ASP A 81 -3.16 -0.72 -21.51
C ASP A 81 -2.19 -0.83 -20.35
N THR A 82 -2.70 -1.26 -19.19
CA THR A 82 -1.86 -1.50 -18.02
C THR A 82 -1.26 -2.90 -17.99
N ALA A 83 -1.81 -3.82 -18.81
CA ALA A 83 -1.57 -5.24 -18.66
C ALA A 83 -1.96 -5.68 -17.24
N GLY A 84 -1.36 -6.75 -16.73
CA GLY A 84 -1.86 -7.35 -15.52
C GLY A 84 -1.08 -7.14 -14.24
N ASP A 85 -0.03 -6.32 -14.28
CA ASP A 85 0.82 -6.16 -13.10
C ASP A 85 1.02 -4.69 -12.69
N GLU A 86 1.84 -4.47 -11.68
CA GLU A 86 2.07 -3.12 -11.15
C GLU A 86 2.91 -2.30 -12.10
N ALA A 87 4.00 -2.88 -12.58
CA ALA A 87 4.90 -2.17 -13.49
C ALA A 87 4.17 -1.66 -14.73
N GLY A 88 3.29 -2.48 -15.29
CA GLY A 88 2.54 -2.09 -16.46
C GLY A 88 1.61 -0.92 -16.16
N THR A 89 1.07 -0.90 -14.94
CA THR A 89 0.17 0.18 -14.54
C THR A 89 0.92 1.48 -14.34
N ILE A 90 2.06 1.40 -13.68
CA ILE A 90 2.91 2.57 -13.49
C ILE A 90 3.31 3.14 -14.84
N ASN A 91 3.73 2.26 -15.76
CA ASN A 91 4.09 2.72 -17.10
C ASN A 91 2.93 3.41 -17.81
N ALA A 92 1.74 2.82 -17.73
CA ALA A 92 0.56 3.40 -18.36
C ALA A 92 0.25 4.77 -17.78
N PHE A 93 0.30 4.90 -16.46
CA PHE A 93 0.00 6.17 -15.81
C PHE A 93 1.03 7.22 -16.25
N GLN A 94 2.30 6.85 -16.26
CA GLN A 94 3.35 7.82 -16.60
C GLN A 94 3.22 8.28 -18.05
N THR A 95 2.87 7.35 -18.93
CA THR A 95 2.66 7.71 -20.33
C THR A 95 1.47 8.67 -20.48
N LEU A 96 0.37 8.37 -19.80
CA LEU A 96 -0.80 9.24 -19.86
C LEU A 96 -0.52 10.63 -19.31
N ILE A 97 0.23 10.68 -18.21
CA ILE A 97 0.53 11.96 -17.56
C ILE A 97 1.50 12.80 -18.36
N ASN A 98 2.55 12.16 -18.87
CA ASN A 98 3.65 12.88 -19.48
C ASN A 98 3.50 13.07 -20.98
N LYS A 99 3.37 11.98 -21.72
CA LYS A 99 3.24 12.08 -23.17
C LYS A 99 1.85 12.57 -23.59
N ASP A 100 0.81 12.00 -23.00
CA ASP A 100 -0.55 12.27 -23.47
C ASP A 100 -1.19 13.49 -22.81
N LYS A 101 -0.54 14.03 -21.77
CA LYS A 101 -0.99 15.28 -21.15
C LYS A 101 -2.44 15.22 -20.68
N VAL A 102 -2.87 14.10 -20.10
CA VAL A 102 -4.27 13.96 -19.75
C VAL A 102 -4.65 14.83 -18.56
N VAL A 103 -5.91 15.26 -18.51
CA VAL A 103 -6.37 16.08 -17.39
C VAL A 103 -6.68 15.22 -16.17
N GLY A 104 -6.85 13.91 -16.38
CA GLY A 104 -7.18 12.99 -15.31
C GLY A 104 -7.17 11.58 -15.84
N ILE A 105 -7.14 10.61 -14.93
CA ILE A 105 -7.08 9.19 -15.28
C ILE A 105 -8.28 8.46 -14.71
N VAL A 106 -8.86 7.57 -15.51
CA VAL A 106 -9.79 6.56 -15.02
C VAL A 106 -9.04 5.23 -14.98
N GLY A 107 -8.97 4.62 -13.80
CA GLY A 107 -8.27 3.34 -13.66
C GLY A 107 -7.66 3.23 -12.27
N PRO A 108 -6.85 2.18 -12.04
CA PRO A 108 -6.64 1.07 -12.95
C PRO A 108 -7.73 0.03 -12.71
N THR A 109 -7.59 -1.17 -13.23
CA THR A 109 -8.60 -2.21 -13.02
C THR A 109 -8.55 -2.78 -11.60
N LEU A 110 -7.39 -3.22 -11.14
CA LEU A 110 -7.29 -3.92 -9.86
C LEU A 110 -6.82 -3.05 -8.71
N SER A 111 -7.35 -3.30 -7.52
CA SER A 111 -6.79 -2.70 -6.31
C SER A 111 -5.30 -2.98 -6.18
N GLN A 112 -4.90 -4.21 -6.52
CA GLN A 112 -3.47 -4.57 -6.46
C GLN A 112 -2.61 -3.59 -7.25
N GLN A 113 -3.12 -3.17 -8.41
CA GLN A 113 -2.41 -2.23 -9.25
C GLN A 113 -2.49 -0.81 -8.70
N ALA A 114 -3.64 -0.45 -8.16
CA ALA A 114 -3.88 0.88 -7.62
C ALA A 114 -2.91 1.23 -6.48
N PHE A 115 -2.63 0.29 -5.59
CA PHE A 115 -1.79 0.61 -4.44
C PHE A 115 -0.37 0.98 -4.87
N SER A 116 0.09 0.42 -5.98
CA SER A 116 1.43 0.68 -6.48
CA SER A 116 1.43 0.71 -6.49
C SER A 116 1.46 1.95 -7.37
N ALA A 117 0.47 2.07 -8.26
CA ALA A 117 0.49 3.12 -9.26
C ALA A 117 -0.18 4.43 -8.86
N ASN A 118 -1.24 4.37 -8.08
CA ASN A 118 -1.92 5.60 -7.67
C ASN A 118 -1.01 6.63 -6.98
N PRO A 119 -0.06 6.17 -6.14
CA PRO A 119 0.87 7.17 -5.56
C PRO A 119 1.66 7.95 -6.61
N ILE A 120 1.87 7.39 -7.79
CA ILE A 120 2.54 8.10 -8.89
C ILE A 120 1.69 9.30 -9.32
N ALA A 121 0.40 9.07 -9.51
CA ALA A 121 -0.51 10.14 -9.88
C ALA A 121 -0.68 11.15 -8.75
N GLU A 122 -0.74 10.65 -7.51
CA GLU A 122 -0.86 11.53 -6.35
C GLU A 122 0.31 12.52 -6.30
N ARG A 123 1.53 11.99 -6.45
CA ARG A 123 2.73 12.82 -6.42
C ARG A 123 2.75 13.83 -7.57
N ALA A 124 2.21 13.43 -8.72
CA ALA A 124 2.18 14.28 -9.91
C ALA A 124 1.00 15.25 -9.92
N LYS A 125 0.15 15.15 -8.91
CA LYS A 125 -1.07 15.96 -8.80
C LYS A 125 -1.98 15.81 -10.02
N VAL A 126 -2.26 14.56 -10.36
CA VAL A 126 -3.16 14.21 -11.44
C VAL A 126 -4.29 13.39 -10.85
N PRO A 127 -5.56 13.83 -11.05
CA PRO A 127 -6.64 13.05 -10.44
C PRO A 127 -6.77 11.65 -11.01
N VAL A 128 -7.16 10.72 -10.15
CA VAL A 128 -7.47 9.35 -10.53
C VAL A 128 -8.86 9.04 -10.01
N VAL A 129 -9.72 8.50 -10.86
CA VAL A 129 -11.01 7.99 -10.42
C VAL A 129 -11.04 6.51 -10.74
N GLY A 130 -11.07 5.68 -9.70
CA GLY A 130 -11.11 4.24 -9.88
C GLY A 130 -12.52 3.76 -10.14
N PRO A 131 -12.70 2.98 -11.21
CA PRO A 131 -14.07 2.55 -11.52
C PRO A 131 -14.55 1.42 -10.63
N SER A 132 -13.66 0.49 -10.29
CA SER A 132 -14.12 -0.76 -9.69
C SER A 132 -13.26 -1.28 -8.55
N ASN A 133 -12.22 -0.53 -8.18
CA ASN A 133 -11.32 -1.02 -7.14
C ASN A 133 -11.88 -0.85 -5.74
N THR A 134 -12.04 -1.98 -5.04
CA THR A 134 -12.85 -2.00 -3.84
C THR A 134 -12.14 -2.40 -2.56
N ALA A 135 -10.81 -2.58 -2.61
CA ALA A 135 -10.06 -2.86 -1.39
C ALA A 135 -10.14 -1.70 -0.41
N LYS A 136 -10.09 -2.02 0.87
CA LYS A 136 -10.02 -1.00 1.89
C LYS A 136 -8.77 -0.14 1.67
N GLY A 137 -8.92 1.18 1.79
CA GLY A 137 -7.76 2.05 1.80
C GLY A 137 -7.38 2.78 0.53
N ILE A 138 -8.10 2.55 -0.56
CA ILE A 138 -7.71 3.18 -1.82
C ILE A 138 -7.83 4.73 -1.84
N PRO A 139 -8.98 5.29 -1.44
CA PRO A 139 -9.07 6.76 -1.47
C PRO A 139 -8.10 7.40 -0.49
N GLU A 140 -7.70 6.65 0.53
CA GLU A 140 -6.78 7.15 1.54
C GLU A 140 -5.34 7.27 1.01
N ILE A 141 -5.10 6.78 -0.21
CA ILE A 141 -3.79 6.90 -0.84
C ILE A 141 -3.40 8.37 -0.98
N GLY A 142 -4.37 9.24 -1.23
CA GLY A 142 -4.08 10.65 -1.28
C GLY A 142 -5.21 11.52 -1.78
N ASP A 143 -4.94 12.82 -1.82
CA ASP A 143 -5.95 13.83 -2.13
C ASP A 143 -6.45 13.82 -3.57
N TYR A 144 -5.73 13.09 -4.43
CA TYR A 144 -6.06 13.01 -5.86
C TYR A 144 -6.69 11.69 -6.26
N VAL A 145 -6.94 10.83 -5.28
CA VAL A 145 -7.50 9.50 -5.55
C VAL A 145 -8.94 9.40 -5.05
N ALA A 146 -9.86 9.16 -5.98
CA ALA A 146 -11.27 8.93 -5.65
C ALA A 146 -11.71 7.63 -6.33
N ARG A 147 -12.87 7.12 -5.94
CA ARG A 147 -13.43 5.95 -6.63
C ARG A 147 -14.94 6.02 -6.66
N VAL A 148 -15.55 5.41 -7.68
CA VAL A 148 -17.01 5.37 -7.78
C VAL A 148 -17.56 4.03 -7.30
N SER A 149 -16.68 3.15 -6.86
CA SER A 149 -17.09 1.84 -6.41
C SER A 149 -17.02 1.71 -4.90
N ALA A 150 -18.16 1.43 -4.27
CA ALA A 150 -18.21 1.21 -2.82
C ALA A 150 -17.35 0.02 -2.45
N PRO A 151 -16.68 0.09 -1.29
CA PRO A 151 -15.69 -0.93 -0.91
C PRO A 151 -16.28 -2.25 -0.44
N VAL A 152 -15.41 -3.24 -0.33
CA VAL A 152 -15.79 -4.60 0.04
C VAL A 152 -16.63 -4.66 1.32
N SER A 153 -16.37 -3.75 2.26
CA SER A 153 -17.10 -3.75 3.53
C SER A 153 -18.61 -3.56 3.39
N VAL A 154 -19.06 -2.88 2.34
CA VAL A 154 -20.51 -2.70 2.18
C VAL A 154 -21.11 -3.54 1.05
N VAL A 155 -20.25 -4.10 0.20
CA VAL A 155 -20.73 -4.94 -0.91
C VAL A 155 -20.83 -6.42 -0.53
N ALA A 156 -19.75 -6.96 0.03
CA ALA A 156 -19.65 -8.40 0.27
C ALA A 156 -20.68 -9.03 1.24
N PRO A 157 -21.00 -8.37 2.37
CA PRO A 157 -21.90 -9.04 3.32
C PRO A 157 -23.26 -9.43 2.75
N ASN A 158 -23.78 -8.67 1.80
CA ASN A 158 -25.09 -8.98 1.24
C ASN A 158 -25.18 -10.36 0.62
N SER A 159 -24.09 -10.83 0.01
CA SER A 159 -24.13 -12.14 -0.61
C SER A 159 -24.18 -13.27 0.43
N VAL A 160 -23.58 -13.07 1.60
CA VAL A 160 -23.70 -14.04 2.67
C VAL A 160 -25.15 -14.08 3.17
N LYS A 161 -25.74 -12.91 3.34
CA LYS A 161 -27.12 -12.81 3.78
C LYS A 161 -28.06 -13.47 2.77
N ALA A 162 -27.77 -13.30 1.48
CA ALA A 162 -28.55 -13.94 0.42
C ALA A 162 -28.44 -15.47 0.48
N ALA A 163 -27.24 -15.99 0.72
CA ALA A 163 -27.06 -17.43 0.83
C ALA A 163 -27.89 -18.00 1.96
N LEU A 164 -27.92 -17.26 3.08
CA LEU A 164 -28.65 -17.71 4.27
CA LEU A 164 -28.64 -17.73 4.26
C LEU A 164 -30.16 -17.64 4.06
N LYS A 165 -30.60 -16.73 3.22
CA LYS A 165 -32.02 -16.66 2.89
C LYS A 165 -32.42 -17.89 2.07
N GLN A 166 -31.58 -18.26 1.11
CA GLN A 166 -31.87 -19.41 0.26
C GLN A 166 -31.72 -20.73 1.00
N ASN A 167 -30.82 -20.77 1.97
CA ASN A 167 -30.68 -21.94 2.83
C ASN A 167 -30.40 -21.55 4.26
N PRO A 168 -31.46 -21.40 5.06
CA PRO A 168 -31.33 -20.98 6.46
C PRO A 168 -30.57 -22.00 7.32
N ASN A 169 -30.35 -23.20 6.80
CA ASN A 169 -29.69 -24.24 7.58
C ASN A 169 -28.18 -24.34 7.36
N ILE A 170 -27.62 -23.39 6.61
CA ILE A 170 -26.17 -23.29 6.49
C ILE A 170 -25.54 -23.10 7.87
N LYS A 171 -24.57 -23.95 8.21
CA LYS A 171 -23.85 -23.84 9.47
C LYS A 171 -22.34 -23.73 9.27
N LYS A 172 -21.80 -24.51 8.34
CA LYS A 172 -20.35 -24.59 8.17
C LYS A 172 -19.92 -23.91 6.89
N VAL A 173 -18.91 -23.06 6.98
CA VAL A 173 -18.45 -22.27 5.84
C VAL A 173 -16.96 -22.45 5.60
N ALA A 174 -16.61 -22.75 4.36
CA ALA A 174 -15.20 -22.80 3.94
C ALA A 174 -14.90 -21.59 3.08
N VAL A 175 -13.78 -20.94 3.35
CA VAL A 175 -13.41 -19.70 2.66
C VAL A 175 -12.10 -19.91 1.90
N PHE A 176 -12.05 -19.40 0.66
CA PHE A 176 -10.84 -19.46 -0.18
C PHE A 176 -10.46 -18.04 -0.58
N PHE A 177 -9.18 -17.74 -0.62
CA PHE A 177 -8.76 -16.42 -1.11
C PHE A 177 -7.41 -16.43 -1.81
N ALA A 178 -7.27 -15.52 -2.77
CA ALA A 178 -6.03 -15.35 -3.51
C ALA A 178 -5.07 -14.49 -2.70
N GLN A 179 -4.07 -15.13 -2.12
CA GLN A 179 -3.19 -14.44 -1.18
C GLN A 179 -2.22 -13.44 -1.82
N ASN A 180 -2.07 -13.50 -3.15
CA ASN A 180 -1.19 -12.56 -3.85
C ASN A 180 -1.91 -11.29 -4.32
N ASP A 181 -3.21 -11.18 -4.06
CA ASP A 181 -4.01 -10.07 -4.59
C ASP A 181 -4.60 -9.19 -3.48
N ALA A 182 -4.34 -7.89 -3.55
CA ALA A 182 -4.72 -6.98 -2.47
C ALA A 182 -6.22 -6.93 -2.23
N PHE A 183 -7.00 -6.87 -3.30
CA PHE A 183 -8.45 -6.84 -3.14
C PHE A 183 -8.96 -8.14 -2.54
N SER A 184 -8.42 -9.28 -2.99
CA SER A 184 -8.88 -10.58 -2.49
C SER A 184 -8.62 -10.70 -0.99
N LYS A 185 -7.47 -10.21 -0.53
CA LYS A 185 -7.19 -10.24 0.89
C LYS A 185 -8.13 -9.32 1.67
N SER A 186 -8.44 -8.17 1.12
CA SER A 186 -9.35 -7.25 1.78
C SER A 186 -10.76 -7.84 1.82
N GLU A 187 -11.20 -8.40 0.70
CA GLU A 187 -12.54 -8.96 0.61
C GLU A 187 -12.73 -10.15 1.54
N THR A 188 -11.72 -11.03 1.61
CA THR A 188 -11.86 -12.21 2.44
C THR A 188 -11.98 -11.85 3.93
N GLU A 189 -11.35 -10.77 4.36
CA GLU A 189 -11.47 -10.35 5.75
C GLU A 189 -12.92 -9.99 6.07
N ILE A 190 -13.56 -9.31 5.12
CA ILE A 190 -14.97 -8.94 5.29
C ILE A 190 -15.85 -10.20 5.28
N PHE A 191 -15.62 -11.11 4.36
CA PHE A 191 -16.41 -12.34 4.31
C PHE A 191 -16.25 -13.12 5.62
N GLN A 192 -15.02 -13.27 6.09
CA GLN A 192 -14.80 -14.00 7.33
C GLN A 192 -15.50 -13.34 8.52
N GLN A 193 -15.42 -12.02 8.62
CA GLN A 193 -16.08 -11.33 9.71
C GLN A 193 -17.61 -11.49 9.63
N THR A 194 -18.15 -11.46 8.42
CA THR A 194 -19.58 -11.63 8.23
C THR A 194 -20.04 -13.03 8.63
N VAL A 195 -19.28 -14.05 8.23
CA VAL A 195 -19.54 -15.42 8.64
C VAL A 195 -19.62 -15.52 10.17
N LYS A 196 -18.66 -14.91 10.86
CA LYS A 196 -18.67 -14.92 12.31
C LYS A 196 -19.87 -14.18 12.88
N ASP A 197 -20.17 -13.01 12.33
CA ASP A 197 -21.27 -12.20 12.84
C ASP A 197 -22.63 -12.84 12.61
N GLN A 198 -22.72 -13.68 11.60
CA GLN A 198 -23.96 -14.40 11.30
C GLN A 198 -24.07 -15.67 12.13
N GLY A 199 -23.11 -15.91 13.02
CA GLY A 199 -23.16 -17.06 13.91
C GLY A 199 -22.84 -18.39 13.25
N LEU A 200 -22.05 -18.33 12.18
CA LEU A 200 -21.70 -19.54 11.43
C LEU A 200 -20.32 -20.05 11.84
N GLU A 201 -20.03 -21.31 11.53
CA GLU A 201 -18.72 -21.89 11.85
C GLU A 201 -17.80 -21.80 10.65
N LEU A 202 -16.66 -21.13 10.84
CA LEU A 202 -15.63 -21.05 9.79
C LEU A 202 -14.78 -22.31 9.90
N VAL A 203 -14.94 -23.25 8.96
CA VAL A 203 -14.25 -24.53 9.09
C VAL A 203 -12.84 -24.55 8.51
N THR A 204 -12.56 -23.63 7.58
CA THR A 204 -11.23 -23.49 7.02
C THR A 204 -11.11 -22.22 6.20
N VAL A 205 -9.89 -21.69 6.14
CA VAL A 205 -9.52 -20.65 5.19
C VAL A 205 -8.36 -21.19 4.34
N GLN A 206 -8.62 -21.40 3.06
CA GLN A 206 -7.64 -21.93 2.13
C GLN A 206 -7.08 -20.81 1.24
N LYS A 207 -5.78 -20.88 0.97
CA LYS A 207 -5.10 -19.87 0.15
C LYS A 207 -4.77 -20.43 -1.22
N PHE A 208 -4.79 -19.56 -2.22
CA PHE A 208 -4.30 -19.88 -3.55
C PHE A 208 -3.67 -18.64 -4.19
N GLN A 209 -3.13 -18.79 -5.39
CA GLN A 209 -2.60 -17.65 -6.14
C GLN A 209 -3.49 -17.41 -7.34
N THR A 210 -3.62 -16.15 -7.76
CA THR A 210 -4.46 -15.85 -8.93
C THR A 210 -3.99 -16.54 -10.19
N THR A 211 -2.71 -16.89 -10.23
CA THR A 211 -2.12 -17.54 -11.40
C THR A 211 -2.26 -19.07 -11.38
N ASP A 212 -2.76 -19.62 -10.28
CA ASP A 212 -2.98 -21.06 -10.21
C ASP A 212 -4.14 -21.46 -11.11
N THR A 213 -4.06 -22.67 -11.65
CA THR A 213 -5.17 -23.26 -12.38
C THR A 213 -5.70 -24.52 -11.68
N ASP A 214 -4.88 -25.10 -10.82
CA ASP A 214 -5.20 -26.34 -10.12
C ASP A 214 -5.40 -26.08 -8.64
N PHE A 215 -6.53 -26.53 -8.12
CA PHE A 215 -6.88 -26.31 -6.72
C PHE A 215 -7.30 -27.62 -6.04
N GLN A 216 -6.83 -28.75 -6.57
CA GLN A 216 -7.32 -30.02 -6.04
C GLN A 216 -7.07 -30.17 -4.54
N SER A 217 -5.88 -29.80 -4.08
CA SER A 217 -5.58 -29.99 -2.67
C SER A 217 -6.44 -29.11 -1.76
N GLN A 218 -6.56 -27.82 -2.07
CA GLN A 218 -7.36 -26.93 -1.23
C GLN A 218 -8.84 -27.30 -1.28
N ALA A 219 -9.32 -27.63 -2.48
CA ALA A 219 -10.72 -28.00 -2.63
C ALA A 219 -11.06 -29.26 -1.84
N THR A 220 -10.19 -30.26 -1.93
CA THR A 220 -10.39 -31.49 -1.18
C THR A 220 -10.31 -31.26 0.33
N ASN A 221 -9.33 -30.46 0.77
CA ASN A 221 -9.23 -30.06 2.17
C ASN A 221 -10.54 -29.52 2.70
N ALA A 222 -11.15 -28.63 1.93
CA ALA A 222 -12.39 -28.00 2.34
C ALA A 222 -13.56 -28.98 2.30
N ILE A 223 -13.65 -29.74 1.22
CA ILE A 223 -14.74 -30.69 1.03
C ILE A 223 -14.79 -31.71 2.16
N ASN A 224 -13.62 -32.12 2.64
CA ASN A 224 -13.56 -33.09 3.74
C ASN A 224 -14.16 -32.57 5.04
N LEU A 225 -14.32 -31.25 5.14
CA LEU A 225 -14.86 -30.62 6.35
C LEU A 225 -16.36 -30.42 6.28
N LYS A 226 -16.96 -30.91 5.19
CA LYS A 226 -18.42 -30.86 4.99
C LYS A 226 -19.04 -29.45 5.11
N PRO A 227 -18.51 -28.48 4.37
CA PRO A 227 -19.13 -27.16 4.44
C PRO A 227 -20.49 -27.13 3.75
N ASP A 228 -21.35 -26.24 4.23
CA ASP A 228 -22.64 -25.98 3.62
C ASP A 228 -22.55 -24.80 2.67
N LEU A 229 -21.51 -23.99 2.84
CA LEU A 229 -21.31 -22.80 2.03
C LEU A 229 -19.82 -22.64 1.78
N VAL A 230 -19.46 -22.29 0.54
CA VAL A 230 -18.08 -21.98 0.16
C VAL A 230 -18.03 -20.56 -0.38
N ILE A 231 -17.05 -19.79 0.06
CA ILE A 231 -16.87 -18.41 -0.37
C ILE A 231 -15.50 -18.25 -1.02
N ILE A 232 -15.48 -17.66 -2.22
CA ILE A 232 -14.24 -17.52 -2.98
C ILE A 232 -13.93 -16.05 -3.29
N SER A 233 -12.77 -15.58 -2.83
CA SER A 233 -12.25 -14.28 -3.20
C SER A 233 -11.02 -14.44 -4.07
N GLY A 234 -11.20 -14.31 -5.38
CA GLY A 234 -10.10 -14.31 -6.32
C GLY A 234 -10.50 -13.49 -7.52
N LEU A 235 -9.81 -13.69 -8.64
CA LEU A 235 -10.21 -13.05 -9.88
C LEU A 235 -10.95 -14.04 -10.77
N ALA A 236 -11.08 -13.76 -12.06
CA ALA A 236 -12.06 -14.48 -12.87
C ALA A 236 -11.62 -15.87 -13.34
N ALA A 237 -10.45 -15.96 -13.97
CA ALA A 237 -9.98 -17.25 -14.46
C ALA A 237 -9.73 -18.20 -13.30
N ASP A 238 -9.05 -17.72 -12.27
CA ASP A 238 -8.80 -18.53 -11.09
C ASP A 238 -10.09 -18.90 -10.34
N GLY A 239 -10.95 -17.91 -10.11
CA GLY A 239 -12.20 -18.17 -9.43
C GLY A 239 -13.07 -19.16 -10.17
N GLY A 240 -13.15 -19.02 -11.49
CA GLY A 240 -13.95 -19.94 -12.30
C GLY A 240 -13.40 -21.36 -12.29
N ASN A 241 -12.08 -21.48 -12.36
CA ASN A 241 -11.47 -22.81 -12.31
C ASN A 241 -11.72 -23.48 -10.96
N LEU A 242 -11.64 -22.71 -9.87
CA LEU A 242 -11.91 -23.24 -8.54
C LEU A 242 -13.36 -23.69 -8.37
N VAL A 243 -14.31 -22.87 -8.85
CA VAL A 243 -15.72 -23.27 -8.81
C VAL A 243 -15.92 -24.61 -9.54
N ARG A 244 -15.37 -24.72 -10.74
CA ARG A 244 -15.53 -25.94 -11.52
C ARG A 244 -14.97 -27.14 -10.76
N GLN A 245 -13.77 -26.99 -10.22
CA GLN A 245 -13.12 -28.11 -9.54
C GLN A 245 -13.83 -28.53 -8.26
N LEU A 246 -14.36 -27.57 -7.51
CA LEU A 246 -15.16 -27.90 -6.34
C LEU A 246 -16.32 -28.79 -6.74
N ARG A 247 -17.03 -28.42 -7.81
CA ARG A 247 -18.15 -29.22 -8.27
C ARG A 247 -17.69 -30.60 -8.76
N GLU A 248 -16.59 -30.63 -9.52
CA GLU A 248 -16.06 -31.90 -10.01
C GLU A 248 -15.73 -32.85 -8.87
N LEU A 249 -15.24 -32.30 -7.77
CA LEU A 249 -14.82 -33.08 -6.62
C LEU A 249 -15.99 -33.45 -5.69
N GLY A 250 -17.20 -33.09 -6.10
CA GLY A 250 -18.40 -33.56 -5.42
C GLY A 250 -19.08 -32.57 -4.47
N TYR A 251 -18.58 -31.34 -4.39
CA TYR A 251 -19.19 -30.36 -3.51
C TYR A 251 -20.59 -29.96 -4.03
N GLN A 252 -21.60 -30.08 -3.18
CA GLN A 252 -22.98 -29.81 -3.61
C GLN A 252 -23.62 -28.64 -2.88
N GLY A 253 -22.86 -27.98 -2.03
CA GLY A 253 -23.38 -26.87 -1.24
C GLY A 253 -23.44 -25.54 -2.00
N ALA A 254 -23.74 -24.48 -1.27
CA ALA A 254 -23.84 -23.15 -1.87
C ALA A 254 -22.45 -22.58 -2.13
N ILE A 255 -22.37 -21.69 -3.12
CA ILE A 255 -21.12 -20.99 -3.41
C ILE A 255 -21.37 -19.51 -3.59
N ILE A 256 -20.56 -18.70 -2.92
CA ILE A 256 -20.50 -17.26 -3.14
C ILE A 256 -19.18 -16.93 -3.83
N GLY A 257 -19.25 -16.15 -4.90
CA GLY A 257 -18.08 -15.57 -5.52
C GLY A 257 -17.98 -14.10 -5.17
N GLY A 258 -16.75 -13.65 -4.91
CA GLY A 258 -16.51 -12.23 -4.69
C GLY A 258 -16.47 -11.45 -5.98
N ASP A 259 -16.14 -10.16 -5.87
CA ASP A 259 -16.26 -9.25 -7.01
C ASP A 259 -15.33 -9.62 -8.17
N GLY A 260 -14.23 -10.32 -7.90
CA GLY A 260 -13.32 -10.71 -8.96
C GLY A 260 -13.90 -11.77 -9.89
N LEU A 261 -14.97 -12.44 -9.47
CA LEU A 261 -15.66 -13.43 -10.31
C LEU A 261 -16.86 -12.82 -11.01
N ASN A 262 -17.05 -11.51 -10.85
CA ASN A 262 -18.29 -10.87 -11.29
C ASN A 262 -18.28 -10.50 -12.78
N THR A 263 -18.20 -11.53 -13.62
CA THR A 263 -18.19 -11.34 -15.07
C THR A 263 -18.66 -12.61 -15.75
N SER A 264 -19.39 -12.47 -16.85
CA SER A 264 -19.81 -13.62 -17.64
C SER A 264 -18.61 -14.36 -18.24
N ASN A 265 -17.41 -13.77 -18.15
CA ASN A 265 -16.22 -14.47 -18.59
C ASN A 265 -15.92 -15.71 -17.76
N VAL A 266 -16.50 -15.81 -16.56
CA VAL A 266 -16.37 -17.05 -15.81
C VAL A 266 -17.20 -18.21 -16.41
N PHE A 267 -18.23 -17.88 -17.19
CA PHE A 267 -19.12 -18.92 -17.75
C PHE A 267 -18.35 -19.95 -18.58
N ALA A 268 -17.38 -19.49 -19.36
CA ALA A 268 -16.61 -20.39 -20.22
C ALA A 268 -15.78 -21.37 -19.40
N VAL A 269 -15.40 -20.95 -18.19
CA VAL A 269 -14.46 -21.71 -17.37
C VAL A 269 -15.15 -22.79 -16.57
N CYS A 270 -16.24 -22.43 -15.88
CA CYS A 270 -16.97 -23.44 -15.11
C CYS A 270 -18.17 -24.05 -15.85
N LYS A 271 -18.57 -23.44 -16.96
CA LYS A 271 -19.67 -23.95 -17.80
C LYS A 271 -20.93 -24.25 -16.98
N ALA A 272 -21.53 -25.43 -17.14
CA ALA A 272 -22.76 -25.71 -16.39
C ALA A 272 -22.52 -25.67 -14.88
N LEU A 273 -21.28 -25.93 -14.47
CA LEU A 273 -20.94 -25.99 -13.05
C LEU A 273 -20.82 -24.61 -12.38
N CYS A 274 -21.00 -23.53 -13.16
CA CYS A 274 -21.11 -22.19 -12.60
C CYS A 274 -22.49 -21.98 -11.96
N ASP A 275 -23.44 -22.86 -12.27
CA ASP A 275 -24.82 -22.60 -11.89
C ASP A 275 -25.00 -22.43 -10.39
N GLY A 276 -25.70 -21.36 -9.99
CA GLY A 276 -26.03 -21.16 -8.59
C GLY A 276 -25.10 -20.25 -7.81
N VAL A 277 -23.96 -19.91 -8.40
CA VAL A 277 -23.01 -19.04 -7.69
C VAL A 277 -23.63 -17.67 -7.41
N LEU A 278 -23.52 -17.21 -6.17
CA LEU A 278 -24.08 -15.92 -5.77
C LEU A 278 -22.98 -14.86 -5.78
N ILE A 279 -23.25 -13.73 -6.41
CA ILE A 279 -22.28 -12.64 -6.46
C ILE A 279 -22.96 -11.30 -6.20
N ALA A 280 -22.48 -10.58 -5.20
CA ALA A 280 -23.03 -9.26 -4.89
C ALA A 280 -22.83 -8.29 -6.05
N GLN A 281 -23.72 -7.31 -6.15
CA GLN A 281 -23.69 -6.35 -7.25
C GLN A 281 -23.83 -4.92 -6.73
N ALA A 282 -23.11 -4.00 -7.37
CA ALA A 282 -23.17 -2.59 -7.02
C ALA A 282 -23.86 -1.81 -8.14
N TYR A 283 -24.58 -2.54 -8.99
CA TYR A 283 -25.25 -1.95 -10.14
C TYR A 283 -26.41 -2.87 -10.50
N SER A 284 -27.53 -2.29 -10.92
CA SER A 284 -28.62 -3.09 -11.48
C SER A 284 -29.07 -2.54 -12.81
N PRO A 285 -29.12 -3.39 -13.85
CA PRO A 285 -29.63 -2.96 -15.14
C PRO A 285 -31.04 -2.39 -15.05
N GLU A 286 -31.82 -2.86 -14.08
CA GLU A 286 -33.22 -2.46 -13.94
C GLU A 286 -33.43 -1.19 -13.13
N TYR A 287 -32.35 -0.59 -12.64
CA TYR A 287 -32.44 0.71 -11.97
C TYR A 287 -33.01 1.75 -12.95
N THR A 288 -33.97 2.54 -12.49
CA THR A 288 -34.78 3.36 -13.40
C THR A 288 -34.32 4.81 -13.61
N GLY A 289 -33.07 5.12 -13.27
CA GLY A 289 -32.52 6.41 -13.58
C GLY A 289 -32.49 6.62 -15.09
N GLU A 290 -32.79 7.84 -15.54
CA GLU A 290 -32.86 8.13 -16.97
C GLU A 290 -31.56 7.80 -17.69
N ILE A 291 -30.43 8.13 -17.07
CA ILE A 291 -29.15 7.86 -17.70
C ILE A 291 -28.85 6.37 -17.77
N ASN A 292 -29.35 5.60 -16.80
CA ASN A 292 -29.16 4.16 -16.83
C ASN A 292 -30.00 3.56 -17.94
N LYS A 293 -31.20 4.09 -18.14
CA LYS A 293 -32.05 3.63 -19.22
C LYS A 293 -31.33 3.85 -20.54
N ALA A 294 -30.73 5.03 -20.69
CA ALA A 294 -29.98 5.36 -21.90
C ALA A 294 -28.75 4.47 -22.04
N PHE A 295 -28.01 4.31 -20.95
CA PHE A 295 -26.83 3.46 -20.92
C PHE A 295 -27.17 2.01 -21.19
N ARG A 296 -28.19 1.50 -20.49
CA ARG A 296 -28.62 0.11 -20.65
C ARG A 296 -29.09 -0.14 -22.08
N GLN A 297 -29.89 0.77 -22.62
CA GLN A 297 -30.41 0.60 -23.96
C GLN A 297 -29.26 0.58 -24.97
N ALA A 298 -28.33 1.52 -24.81
CA ALA A 298 -27.15 1.54 -25.68
C ALA A 298 -26.34 0.26 -25.55
N TYR A 299 -26.15 -0.22 -24.32
CA TYR A 299 -25.43 -1.47 -24.12
C TYR A 299 -26.13 -2.68 -24.74
N VAL A 300 -27.42 -2.86 -24.42
CA VAL A 300 -28.16 -4.04 -24.88
C VAL A 300 -28.23 -4.10 -26.39
N ASP A 301 -28.47 -2.95 -27.02
CA ASP A 301 -28.59 -2.89 -28.48
C ASP A 301 -27.30 -3.36 -29.15
N GLN A 302 -26.16 -3.08 -28.51
CA GLN A 302 -24.88 -3.49 -29.08
C GLN A 302 -24.46 -4.91 -28.69
N TYR A 303 -24.51 -5.21 -27.39
CA TYR A 303 -23.93 -6.45 -26.88
C TYR A 303 -24.92 -7.60 -26.65
N LYS A 304 -26.21 -7.32 -26.85
CA LYS A 304 -27.26 -8.34 -26.82
C LYS A 304 -27.47 -8.98 -25.44
N LYS A 305 -27.08 -8.27 -24.40
CA LYS A 305 -27.27 -8.72 -23.02
C LYS A 305 -27.26 -7.51 -22.10
N GLU A 306 -27.61 -7.72 -20.84
CA GLU A 306 -27.63 -6.62 -19.88
C GLU A 306 -26.21 -6.13 -19.60
N PRO A 307 -26.06 -4.82 -19.34
CA PRO A 307 -24.74 -4.28 -19.00
C PRO A 307 -24.21 -4.87 -17.69
N PRO A 308 -22.96 -5.35 -17.70
CA PRO A 308 -22.29 -5.83 -16.49
C PRO A 308 -21.94 -4.67 -15.55
N GLN A 309 -21.83 -4.99 -14.27
CA GLN A 309 -21.41 -4.00 -13.27
C GLN A 309 -20.15 -3.24 -13.69
N PHE A 310 -19.13 -3.96 -14.16
CA PHE A 310 -17.86 -3.30 -14.48
C PHE A 310 -18.02 -2.27 -15.59
N SER A 311 -18.91 -2.53 -16.54
CA SER A 311 -19.18 -1.57 -17.60
C SER A 311 -19.87 -0.32 -17.06
N ALA A 312 -20.85 -0.50 -16.19
CA ALA A 312 -21.59 0.62 -15.62
C ALA A 312 -20.66 1.47 -14.77
N GLN A 313 -19.77 0.84 -14.03
CA GLN A 313 -18.84 1.56 -13.18
C GLN A 313 -17.87 2.41 -13.98
N ALA A 314 -17.38 1.86 -15.09
CA ALA A 314 -16.48 2.62 -15.96
C ALA A 314 -17.20 3.81 -16.60
N PHE A 315 -18.45 3.61 -17.01
CA PHE A 315 -19.26 4.70 -17.55
C PHE A 315 -19.36 5.80 -16.50
N ALA A 316 -19.67 5.43 -15.27
CA ALA A 316 -19.85 6.40 -14.20
C ALA A 316 -18.58 7.20 -13.92
N ALA A 317 -17.42 6.55 -13.99
CA ALA A 317 -16.16 7.25 -13.80
C ALA A 317 -15.93 8.31 -14.89
N VAL A 318 -16.22 7.95 -16.14
CA VAL A 318 -16.08 8.93 -17.22
C VAL A 318 -17.07 10.08 -17.03
N GLN A 319 -18.30 9.73 -16.64
CA GLN A 319 -19.34 10.71 -16.37
C GLN A 319 -18.89 11.73 -15.32
N VAL A 320 -18.25 11.24 -14.25
CA VAL A 320 -17.72 12.12 -13.23
C VAL A 320 -16.79 13.16 -13.83
N TYR A 321 -15.88 12.72 -14.69
CA TYR A 321 -14.96 13.65 -15.34
C TYR A 321 -15.67 14.62 -16.28
N VAL A 322 -16.63 14.14 -17.07
CA VAL A 322 -17.29 15.02 -18.02
C VAL A 322 -18.08 16.10 -17.30
N GLU A 323 -18.86 15.69 -16.30
CA GLU A 323 -19.71 16.65 -15.61
C GLU A 323 -18.89 17.60 -14.76
N SER A 324 -17.79 17.14 -14.19
CA SER A 324 -16.89 18.02 -13.44
CA SER A 324 -16.92 18.03 -13.44
C SER A 324 -16.19 19.02 -14.34
N LEU A 325 -15.76 18.55 -15.52
CA LEU A 325 -15.15 19.45 -16.50
C LEU A 325 -16.13 20.53 -16.95
N LYS A 326 -17.39 20.16 -17.15
CA LYS A 326 -18.42 21.14 -17.53
C LYS A 326 -18.63 22.18 -16.44
N ALA A 327 -18.71 21.71 -15.19
CA ALA A 327 -18.93 22.64 -14.07
C ALA A 327 -17.72 23.56 -13.91
N LEU A 328 -16.53 23.00 -14.03
CA LEU A 328 -15.31 23.80 -13.92
C LEU A 328 -15.21 24.82 -15.05
N ASP A 329 -15.45 24.36 -16.27
CA ASP A 329 -15.35 25.21 -17.46
C ASP A 329 -16.30 26.40 -17.38
N THR A 330 -17.48 26.18 -16.82
CA THR A 330 -18.45 27.26 -16.66
C THR A 330 -17.94 28.34 -15.68
N LYS A 331 -17.20 27.92 -14.66
CA LYS A 331 -16.70 28.84 -13.63
C LYS A 331 -15.32 29.41 -13.98
N ASN A 332 -14.59 28.70 -14.82
CA ASN A 332 -13.19 28.98 -15.09
C ASN A 332 -12.81 28.28 -16.38
N LYS A 333 -12.89 28.99 -17.49
CA LYS A 333 -12.76 28.40 -18.83
C LYS A 333 -11.53 27.53 -18.98
N VAL A 334 -11.73 26.24 -19.23
CA VAL A 334 -10.62 25.29 -19.13
C VAL A 334 -9.56 25.43 -20.22
N SER A 335 -9.96 25.93 -21.39
CA SER A 335 -9.03 26.10 -22.49
C SER A 335 -7.92 27.10 -22.16
N LYS A 336 -8.17 27.95 -21.17
CA LYS A 336 -7.20 28.97 -20.75
C LYS A 336 -6.41 28.61 -19.49
N ILE A 337 -6.71 27.47 -18.89
CA ILE A 337 -6.01 27.04 -17.69
C ILE A 337 -4.84 26.15 -18.05
N GLN A 338 -3.65 26.46 -17.58
CA GLN A 338 -2.50 25.60 -17.85
CA GLN A 338 -2.48 25.61 -17.82
C GLN A 338 -2.67 24.25 -17.17
N LEU A 339 -2.07 23.22 -17.76
CA LEU A 339 -2.32 21.84 -17.35
C LEU A 339 -2.20 21.50 -15.85
N PRO A 340 -1.11 21.94 -15.19
CA PRO A 340 -1.00 21.56 -13.77
C PRO A 340 -2.14 22.14 -12.93
N GLU A 341 -2.49 23.40 -13.17
CA GLU A 341 -3.60 24.01 -12.46
C GLU A 341 -4.94 23.38 -12.86
N LEU A 342 -5.09 23.04 -14.13
CA LEU A 342 -6.30 22.39 -14.62
C LEU A 342 -6.54 21.06 -13.87
N ARG A 343 -5.48 20.25 -13.75
CA ARG A 343 -5.58 19.00 -13.04
C ARG A 343 -6.00 19.21 -11.58
N THR A 344 -5.40 20.20 -10.93
CA THR A 344 -5.70 20.45 -9.54
C THR A 344 -7.12 20.97 -9.35
N GLU A 345 -7.55 21.87 -10.23
CA GLU A 345 -8.92 22.38 -10.17
C GLU A 345 -9.96 21.33 -10.51
N LEU A 346 -9.64 20.44 -11.44
CA LEU A 346 -10.54 19.37 -11.81
C LEU A 346 -10.72 18.40 -10.64
N ASN A 347 -9.62 18.05 -9.98
CA ASN A 347 -9.68 17.21 -8.81
C ASN A 347 -10.55 17.84 -7.72
N LYS A 348 -10.34 19.12 -7.45
CA LYS A 348 -11.13 19.83 -6.45
C LYS A 348 -12.61 19.81 -6.81
N GLN A 349 -12.91 20.10 -8.08
CA GLN A 349 -14.28 20.12 -8.55
C GLN A 349 -14.98 18.75 -8.45
N LEU A 350 -14.33 17.69 -8.91
CA LEU A 350 -15.02 16.40 -8.99
C LEU A 350 -15.45 15.93 -7.60
N LEU A 351 -14.64 16.24 -6.60
CA LEU A 351 -14.94 15.84 -5.24
C LEU A 351 -16.22 16.48 -4.69
N THR A 352 -16.59 17.64 -5.23
CA THR A 352 -17.77 18.36 -4.75
C THR A 352 -19.06 18.01 -5.49
N GLY A 353 -18.95 17.22 -6.56
CA GLY A 353 -20.09 17.03 -7.44
C GLY A 353 -21.10 15.98 -6.99
N LYS A 354 -22.33 16.11 -7.49
CA LYS A 354 -23.37 15.12 -7.33
C LYS A 354 -23.71 14.60 -8.73
N TYR A 355 -23.79 13.28 -8.88
CA TYR A 355 -23.92 12.68 -10.21
C TYR A 355 -25.02 11.65 -10.26
N ASN A 356 -25.91 11.79 -11.22
CA ASN A 356 -26.95 10.80 -11.46
C ASN A 356 -26.45 9.84 -12.52
N THR A 357 -25.93 8.69 -12.07
CA THR A 357 -25.18 7.78 -12.92
C THR A 357 -25.92 6.45 -13.10
N PRO A 358 -25.38 5.54 -13.93
CA PRO A 358 -26.04 4.23 -13.99
C PRO A 358 -26.03 3.50 -12.64
N LEU A 359 -25.10 3.86 -11.76
CA LEU A 359 -24.98 3.26 -10.43
C LEU A 359 -25.98 3.87 -9.46
N GLY A 360 -26.74 4.85 -9.93
CA GLY A 360 -27.62 5.63 -9.07
C GLY A 360 -27.03 7.00 -8.78
N GLU A 361 -27.68 7.71 -7.87
CA GLU A 361 -27.18 9.01 -7.46
C GLU A 361 -25.98 8.81 -6.55
N ILE A 362 -24.83 9.36 -6.96
CA ILE A 362 -23.61 9.22 -6.18
C ILE A 362 -22.93 10.56 -5.94
N SER A 363 -22.08 10.60 -4.94
CA SER A 363 -21.25 11.76 -4.66
C SER A 363 -20.01 11.24 -3.96
N PHE A 364 -19.16 12.14 -3.47
CA PHE A 364 -17.95 11.72 -2.77
C PHE A 364 -17.87 12.30 -1.38
N THR A 365 -17.21 11.55 -0.48
CA THR A 365 -16.84 12.11 0.81
C THR A 365 -15.62 12.98 0.58
N PRO A 366 -15.23 13.81 1.57
CA PRO A 366 -14.07 14.67 1.35
C PRO A 366 -12.77 13.92 1.04
N ILE A 367 -12.72 12.62 1.35
CA ILE A 367 -11.53 11.81 1.13
C ILE A 367 -11.58 11.05 -0.20
N GLY A 368 -12.67 11.22 -0.95
CA GLY A 368 -12.78 10.56 -2.24
C GLY A 368 -13.44 9.19 -2.24
N GLU A 369 -14.04 8.82 -1.12
CA GLU A 369 -14.83 7.60 -1.06
CA GLU A 369 -14.84 7.60 -1.06
C GLU A 369 -16.20 7.87 -1.69
N VAL A 370 -16.78 6.88 -2.34
CA VAL A 370 -18.08 7.09 -2.95
C VAL A 370 -19.18 7.09 -1.89
N VAL A 371 -20.21 7.89 -2.15
CA VAL A 371 -21.46 7.82 -1.40
C VAL A 371 -22.50 7.17 -2.33
N GLN A 372 -22.98 5.99 -1.96
CA GLN A 372 -23.91 5.22 -2.81
C GLN A 372 -24.87 4.39 -1.96
N LYS A 373 -26.14 4.38 -2.35
CA LYS A 373 -27.22 3.83 -1.52
C LYS A 373 -27.55 2.36 -1.75
N ASP A 374 -27.71 1.97 -3.01
CA ASP A 374 -28.31 0.67 -3.31
C ASP A 374 -27.33 -0.43 -3.73
N PHE A 375 -27.54 -1.62 -3.18
CA PHE A 375 -26.74 -2.78 -3.53
C PHE A 375 -27.66 -3.98 -3.74
N TYR A 376 -27.14 -5.00 -4.43
CA TYR A 376 -27.96 -6.12 -4.87
C TYR A 376 -27.15 -7.40 -4.79
N VAL A 377 -27.81 -8.52 -5.03
CA VAL A 377 -27.13 -9.80 -5.20
C VAL A 377 -27.72 -10.47 -6.43
N ALA A 378 -26.87 -11.05 -7.26
CA ALA A 378 -27.33 -11.83 -8.40
C ALA A 378 -26.81 -13.25 -8.28
N GLN A 379 -27.43 -14.14 -9.05
CA GLN A 379 -27.09 -15.54 -9.02
C GLN A 379 -26.91 -16.02 -10.45
N ILE A 380 -25.80 -16.72 -10.70
CA ILE A 380 -25.56 -17.28 -12.02
C ILE A 380 -26.56 -18.38 -12.32
N LYS A 381 -27.22 -18.27 -13.48
CA LYS A 381 -28.12 -19.31 -13.94
C LYS A 381 -27.62 -19.79 -15.29
N GLU A 383 -27.66 -22.42 -18.57
CA GLU A 383 -28.47 -23.38 -19.31
CA GLU A 383 -28.47 -23.38 -19.30
C GLU A 383 -27.80 -24.75 -19.17
N LYS A 384 -28.61 -25.81 -19.15
CA LYS A 384 -28.13 -27.16 -18.85
C LYS A 384 -26.91 -27.59 -19.65
N ASP A 385 -26.86 -27.19 -20.92
CA ASP A 385 -25.76 -27.54 -21.79
C ASP A 385 -24.45 -26.85 -21.41
N GLY A 386 -24.56 -25.76 -20.64
CA GLY A 386 -23.40 -25.08 -20.11
C GLY A 386 -22.77 -24.04 -21.03
N SER A 387 -23.34 -23.84 -22.21
CA SER A 387 -22.76 -22.94 -23.19
C SER A 387 -23.22 -21.50 -23.03
N GLN A 388 -24.32 -21.32 -22.31
CA GLN A 388 -24.91 -19.99 -22.14
C GLN A 388 -25.41 -19.83 -20.71
N GLY A 389 -25.39 -18.60 -20.22
CA GLY A 389 -25.95 -18.31 -18.92
C GLY A 389 -26.28 -16.85 -18.75
N LYS A 390 -26.72 -16.50 -17.54
CA LYS A 390 -27.01 -15.11 -17.23
C LYS A 390 -26.92 -14.91 -15.72
N PHE A 391 -26.84 -13.63 -15.33
CA PHE A 391 -26.97 -13.26 -13.93
C PHE A 391 -28.41 -12.88 -13.63
N THR A 392 -29.04 -13.63 -12.74
CA THR A 392 -30.40 -13.33 -12.31
C THR A 392 -30.37 -12.55 -11.02
N PHE A 393 -30.95 -11.36 -11.02
CA PHE A 393 -30.96 -10.54 -9.82
C PHE A 393 -32.00 -11.01 -8.83
N LEU A 394 -31.59 -11.17 -7.58
CA LEU A 394 -32.51 -11.55 -6.53
C LEU A 394 -33.37 -10.34 -6.16
N LYS A 395 -34.63 -10.57 -5.83
CA LYS A 395 -35.53 -9.44 -5.55
C LYS A 395 -35.45 -8.98 -4.10
N ASN B 32 35.12 -12.55 -9.57
CA ASN B 32 33.70 -12.83 -9.43
C ASN B 32 33.14 -12.41 -8.06
N THR B 33 32.02 -11.70 -8.08
CA THR B 33 31.41 -11.21 -6.85
C THR B 33 29.89 -11.43 -6.88
N ILE B 34 29.26 -11.36 -5.73
CA ILE B 34 27.80 -11.49 -5.63
C ILE B 34 27.16 -10.12 -5.43
N PRO B 35 26.34 -9.69 -6.40
CA PRO B 35 25.79 -8.33 -6.34
C PRO B 35 24.55 -8.22 -5.45
N ILE B 36 24.58 -7.28 -4.51
CA ILE B 36 23.44 -7.01 -3.66
C ILE B 36 23.07 -5.54 -3.88
N GLY B 37 21.79 -5.28 -4.17
CA GLY B 37 21.35 -3.93 -4.44
C GLY B 37 21.01 -3.15 -3.18
N ILE B 38 21.44 -1.90 -3.15
CA ILE B 38 21.12 -0.99 -2.06
C ILE B 38 20.37 0.20 -2.66
N ALA B 39 19.09 0.31 -2.31
CA ALA B 39 18.22 1.33 -2.87
C ALA B 39 17.73 2.22 -1.74
N LEU B 40 18.43 3.35 -1.53
CA LEU B 40 18.16 4.23 -0.41
C LEU B 40 18.14 5.67 -0.88
N ALA B 41 17.58 6.55 -0.06
CA ALA B 41 17.51 7.96 -0.41
C ALA B 41 18.87 8.64 -0.18
N GLN B 42 19.56 8.96 -1.27
CA GLN B 42 20.85 9.63 -1.21
C GLN B 42 20.76 11.10 -1.62
N THR B 43 19.61 11.48 -2.17
CA THR B 43 19.30 12.86 -2.49
C THR B 43 17.89 13.15 -1.97
N SER B 44 17.52 14.44 -1.98
CA SER B 44 16.26 14.97 -1.42
C SER B 44 16.35 15.11 0.09
N ASN B 45 15.34 15.72 0.70
CA ASN B 45 15.32 15.81 2.17
C ASN B 45 15.24 14.45 2.83
N VAL B 46 14.81 13.43 2.10
CA VAL B 46 14.77 12.07 2.64
C VAL B 46 16.19 11.55 2.87
N ALA B 47 17.18 12.13 2.20
CA ALA B 47 18.58 11.75 2.41
C ALA B 47 19.08 12.07 3.82
N LEU B 48 18.41 12.95 4.55
CA LEU B 48 18.80 13.18 5.94
CA LEU B 48 18.76 13.18 5.96
C LEU B 48 18.66 11.89 6.75
N LEU B 49 17.78 11.00 6.31
CA LEU B 49 17.61 9.68 6.89
C LEU B 49 18.46 8.65 6.13
N GLY B 50 18.39 8.72 4.80
CA GLY B 50 19.03 7.72 3.97
C GLY B 50 20.54 7.65 4.07
N GLN B 51 21.20 8.79 4.24
CA GLN B 51 22.66 8.78 4.25
CA GLN B 51 22.65 8.79 4.26
C GLN B 51 23.24 8.00 5.44
N GLU B 52 22.50 7.95 6.55
CA GLU B 52 22.94 7.16 7.70
C GLU B 52 22.88 5.68 7.35
N GLN B 53 21.87 5.29 6.56
CA GLN B 53 21.72 3.92 6.12
C GLN B 53 22.84 3.53 5.17
N VAL B 54 23.16 4.43 4.25
CA VAL B 54 24.27 4.21 3.33
C VAL B 54 25.57 3.97 4.10
N ALA B 55 25.81 4.79 5.13
CA ALA B 55 27.00 4.63 5.96
C ALA B 55 27.08 3.24 6.58
N GLY B 56 25.95 2.76 7.13
CA GLY B 56 25.91 1.44 7.73
C GLY B 56 26.12 0.32 6.74
N ALA B 57 25.55 0.48 5.55
CA ALA B 57 25.72 -0.54 4.51
C ALA B 57 27.18 -0.63 4.06
N LYS B 58 27.84 0.52 3.90
CA LYS B 58 29.25 0.54 3.50
C LYS B 58 30.14 -0.12 4.55
N ILE B 59 29.87 0.15 5.82
CA ILE B 59 30.60 -0.48 6.91
C ILE B 59 30.39 -2.01 6.87
N ALA B 60 29.17 -2.43 6.59
CA ALA B 60 28.88 -3.85 6.47
C ALA B 60 29.64 -4.50 5.32
N GLU B 61 29.70 -3.83 4.18
CA GLU B 61 30.40 -4.38 3.02
C GLU B 61 31.85 -4.67 3.35
N LYS B 62 32.54 -3.70 3.95
CA LYS B 62 33.93 -3.90 4.32
C LYS B 62 34.08 -4.98 5.38
N TYR B 63 33.21 -4.97 6.38
CA TYR B 63 33.30 -5.95 7.47
C TYR B 63 33.16 -7.38 6.96
N PHE B 64 32.13 -7.63 6.17
CA PHE B 64 31.86 -8.98 5.71
C PHE B 64 32.85 -9.44 4.64
N ASN B 65 33.27 -8.54 3.77
CA ASN B 65 34.30 -8.88 2.78
C ASN B 65 35.67 -9.15 3.41
N ASP B 66 36.00 -8.40 4.46
CA ASP B 66 37.26 -8.64 5.17
C ASP B 66 37.28 -10.02 5.79
N LYS B 67 36.10 -10.60 5.99
CA LYS B 67 36.00 -11.92 6.58
C LYS B 67 35.74 -13.00 5.53
N GLY B 68 35.95 -12.66 4.27
CA GLY B 68 35.89 -13.64 3.20
C GLY B 68 34.59 -13.61 2.42
N GLY B 69 33.74 -12.63 2.66
CA GLY B 69 32.48 -12.52 1.95
C GLY B 69 31.59 -13.73 2.14
N VAL B 70 31.16 -14.32 1.03
CA VAL B 70 30.32 -15.51 1.07
C VAL B 70 31.20 -16.73 0.80
N ASN B 71 31.74 -17.30 1.88
CA ASN B 71 32.61 -18.47 1.79
C ASN B 71 33.74 -18.29 0.77
N GLY B 72 34.33 -17.11 0.75
CA GLY B 72 35.42 -16.83 -0.17
C GLY B 72 35.06 -15.88 -1.30
N THR B 73 33.78 -15.82 -1.65
CA THR B 73 33.33 -14.94 -2.73
C THR B 73 32.88 -13.60 -2.17
N PRO B 74 33.56 -12.51 -2.56
CA PRO B 74 33.15 -11.19 -2.06
C PRO B 74 31.76 -10.81 -2.50
N ILE B 75 31.08 -10.03 -1.67
CA ILE B 75 29.88 -9.36 -2.12
C ILE B 75 30.24 -8.04 -2.77
N LYS B 76 29.33 -7.54 -3.59
CA LYS B 76 29.46 -6.21 -4.18
CA LYS B 76 29.47 -6.20 -4.14
C LYS B 76 28.16 -5.45 -3.98
N LEU B 77 28.18 -4.41 -3.15
CA LEU B 77 27.00 -3.59 -2.97
C LEU B 77 26.88 -2.64 -4.14
N ILE B 78 25.71 -2.62 -4.77
CA ILE B 78 25.45 -1.72 -5.87
C ILE B 78 24.41 -0.72 -5.42
N PHE B 79 24.82 0.54 -5.31
CA PHE B 79 23.96 1.60 -4.80
C PHE B 79 23.19 2.27 -5.93
N GLN B 80 21.88 2.35 -5.78
CA GLN B 80 21.03 3.09 -6.70
C GLN B 80 20.15 4.04 -5.90
N ASP B 81 20.41 5.33 -6.06
CA ASP B 81 19.66 6.36 -5.35
C ASP B 81 18.19 6.33 -5.74
N THR B 82 17.32 6.31 -4.74
CA THR B 82 15.87 6.33 -4.96
C THR B 82 15.31 7.75 -5.05
N ALA B 83 16.11 8.74 -4.66
CA ALA B 83 15.61 10.09 -4.35
C ALA B 83 14.47 9.99 -3.32
N GLY B 84 13.55 10.95 -3.32
CA GLY B 84 12.59 11.03 -2.23
C GLY B 84 11.16 10.65 -2.52
N ASP B 85 10.88 10.14 -3.72
CA ASP B 85 9.50 9.82 -4.09
C ASP B 85 9.33 8.37 -4.52
N GLU B 86 8.13 8.02 -4.98
CA GLU B 86 7.85 6.65 -5.37
C GLU B 86 8.47 6.31 -6.72
N ALA B 87 8.31 7.20 -7.68
CA ALA B 87 8.83 6.97 -9.03
C ALA B 87 10.33 6.70 -9.02
N GLY B 88 11.08 7.45 -8.21
CA GLY B 88 12.51 7.25 -8.11
C GLY B 88 12.85 5.90 -7.49
N THR B 89 12.02 5.42 -6.58
CA THR B 89 12.25 4.13 -5.96
C THR B 89 11.96 3.00 -6.93
N ILE B 90 10.87 3.14 -7.68
CA ILE B 90 10.53 2.14 -8.70
C ILE B 90 11.66 2.06 -9.73
N ASN B 91 12.17 3.21 -10.16
CA ASN B 91 13.27 3.23 -11.12
C ASN B 91 14.51 2.55 -10.55
N ALA B 92 14.85 2.86 -9.31
CA ALA B 92 16.00 2.26 -8.65
C ALA B 92 15.87 0.75 -8.57
N PHE B 93 14.71 0.27 -8.12
CA PHE B 93 14.46 -1.17 -8.02
C PHE B 93 14.59 -1.84 -9.39
N GLN B 94 13.96 -1.25 -10.41
CA GLN B 94 14.00 -1.86 -11.74
C GLN B 94 15.42 -1.89 -12.32
N THR B 95 16.20 -0.85 -12.07
CA THR B 95 17.58 -0.84 -12.52
C THR B 95 18.40 -1.93 -11.81
N LEU B 96 18.23 -2.04 -10.50
CA LEU B 96 18.94 -3.05 -9.73
C LEU B 96 18.57 -4.48 -10.17
N ILE B 97 17.29 -4.69 -10.45
CA ILE B 97 16.81 -6.03 -10.81
C ILE B 97 17.22 -6.42 -12.22
N ASN B 98 17.09 -5.48 -13.15
CA ASN B 98 17.25 -5.79 -14.57
C ASN B 98 18.66 -5.55 -15.11
N LYS B 99 19.22 -4.38 -14.87
CA LYS B 99 20.55 -4.07 -15.36
C LYS B 99 21.62 -4.66 -14.45
N ASP B 100 21.47 -4.49 -13.14
CA ASP B 100 22.50 -4.87 -12.19
C ASP B 100 22.41 -6.34 -11.74
N LYS B 101 21.33 -7.01 -12.09
CA LYS B 101 21.18 -8.45 -11.84
C LYS B 101 21.39 -8.82 -10.38
N VAL B 102 20.91 -7.99 -9.46
CA VAL B 102 21.17 -8.22 -8.04
C VAL B 102 20.44 -9.45 -7.51
N VAL B 103 21.02 -10.10 -6.51
CA VAL B 103 20.39 -11.29 -5.92
C VAL B 103 19.29 -10.90 -4.92
N GLY B 104 19.33 -9.64 -4.47
CA GLY B 104 18.39 -9.15 -3.48
C GLY B 104 18.59 -7.66 -3.30
N ILE B 105 17.61 -7.00 -2.68
CA ILE B 105 17.64 -5.56 -2.46
C ILE B 105 17.53 -5.26 -0.97
N VAL B 106 18.34 -4.30 -0.51
CA VAL B 106 18.16 -3.66 0.78
C VAL B 106 17.57 -2.29 0.50
N GLY B 107 16.37 -2.02 1.05
CA GLY B 107 15.72 -0.73 0.87
C GLY B 107 14.21 -0.90 0.86
N PRO B 108 13.47 0.17 0.56
CA PRO B 108 13.98 1.54 0.39
C PRO B 108 14.05 2.21 1.75
N THR B 109 14.25 3.53 1.77
CA THR B 109 14.32 4.26 3.04
C THR B 109 12.94 4.39 3.70
N LEU B 110 11.95 4.86 2.95
CA LEU B 110 10.66 5.20 3.54
C LEU B 110 9.60 4.14 3.29
N SER B 111 8.75 3.92 4.29
CA SER B 111 7.54 3.14 4.07
C SER B 111 6.71 3.65 2.89
N GLN B 112 6.61 4.98 2.77
CA GLN B 112 5.88 5.60 1.66
C GLN B 112 6.35 5.05 0.32
N GLN B 113 7.66 4.89 0.19
CA GLN B 113 8.26 4.39 -1.04
C GLN B 113 8.08 2.88 -1.17
N ALA B 114 8.18 2.16 -0.06
CA ALA B 114 8.06 0.70 -0.06
C ALA B 114 6.69 0.23 -0.56
N PHE B 115 5.62 0.92 -0.17
CA PHE B 115 4.28 0.45 -0.57
C PHE B 115 4.09 0.51 -2.09
N SER B 116 4.77 1.44 -2.75
CA SER B 116 4.68 1.56 -4.19
CA SER B 116 4.69 1.54 -4.20
C SER B 116 5.67 0.63 -4.91
N ALA B 117 6.90 0.60 -4.42
CA ALA B 117 7.98 -0.09 -5.11
C ALA B 117 8.17 -1.57 -4.76
N ASN B 118 7.94 -1.93 -3.51
CA ASN B 118 8.13 -3.34 -3.13
C ASN B 118 7.30 -4.34 -3.97
N PRO B 119 6.07 -3.97 -4.37
CA PRO B 119 5.35 -4.89 -5.27
C PRO B 119 6.06 -5.17 -6.60
N ILE B 120 6.91 -4.25 -7.06
CA ILE B 120 7.71 -4.50 -8.25
C ILE B 120 8.68 -5.66 -8.02
N ALA B 121 9.36 -5.64 -6.88
CA ALA B 121 10.27 -6.72 -6.52
C ALA B 121 9.52 -8.02 -6.24
N GLU B 122 8.38 -7.91 -5.56
CA GLU B 122 7.55 -9.09 -5.30
C GLU B 122 7.17 -9.79 -6.60
N ARG B 123 6.70 -9.03 -7.58
CA ARG B 123 6.28 -9.58 -8.87
C ARG B 123 7.46 -10.22 -9.61
N ALA B 124 8.64 -9.63 -9.47
CA ALA B 124 9.85 -10.13 -10.11
C ALA B 124 10.51 -11.28 -9.33
N LYS B 125 9.96 -11.59 -8.17
CA LYS B 125 10.52 -12.63 -7.30
CA LYS B 125 10.51 -12.63 -7.29
C LYS B 125 11.97 -12.34 -6.90
N VAL B 126 12.18 -11.11 -6.41
CA VAL B 126 13.47 -10.65 -5.93
C VAL B 126 13.30 -10.27 -4.47
N PRO B 127 14.10 -10.85 -3.56
CA PRO B 127 13.91 -10.50 -2.16
C PRO B 127 14.20 -9.03 -1.86
N VAL B 128 13.42 -8.47 -0.95
CA VAL B 128 13.65 -7.14 -0.39
C VAL B 128 13.74 -7.29 1.12
N VAL B 129 14.77 -6.71 1.71
CA VAL B 129 14.87 -6.61 3.16
C VAL B 129 14.88 -5.12 3.49
N GLY B 130 13.82 -4.66 4.14
CA GLY B 130 13.72 -3.27 4.51
C GLY B 130 14.52 -2.98 5.76
N PRO B 131 15.39 -1.96 5.72
CA PRO B 131 16.22 -1.69 6.88
C PRO B 131 15.49 -0.87 7.95
N SER B 132 14.59 0.01 7.56
N SER B 132 14.59 0.00 7.51
CA SER B 132 13.99 0.96 8.51
CA SER B 132 14.05 1.03 8.39
C SER B 132 12.55 1.39 8.17
C SER B 132 12.53 1.13 8.40
N ASN B 133 11.87 0.53 7.41
CA ASN B 133 10.45 0.74 7.09
CA ASN B 133 10.47 0.86 7.20
C ASN B 133 9.53 0.19 8.18
N THR B 134 8.86 1.04 8.94
CA THR B 134 8.16 0.58 10.13
C THR B 134 6.64 0.73 10.12
N ALA B 135 6.08 1.18 8.99
CA ALA B 135 4.63 1.27 8.88
C ALA B 135 3.99 -0.10 8.99
N LYS B 136 2.77 -0.13 9.53
CA LYS B 136 1.97 -1.35 9.52
C LYS B 136 1.78 -1.86 8.09
N GLY B 137 1.99 -3.16 7.89
CA GLY B 137 1.63 -3.78 6.62
C GLY B 137 2.75 -4.04 5.61
N ILE B 138 3.97 -3.67 5.93
CA ILE B 138 5.04 -3.82 4.95
C ILE B 138 5.36 -5.30 4.59
N PRO B 139 5.59 -6.16 5.59
CA PRO B 139 5.88 -7.56 5.21
C PRO B 139 4.69 -8.24 4.53
N GLU B 140 3.49 -7.74 4.79
CA GLU B 140 2.27 -8.27 4.19
C GLU B 140 2.16 -7.94 2.69
N ILE B 141 3.05 -7.07 2.19
CA ILE B 141 3.11 -6.78 0.75
C ILE B 141 3.32 -8.06 -0.07
N GLY B 142 4.10 -9.00 0.45
CA GLY B 142 4.27 -10.26 -0.24
C GLY B 142 5.35 -11.17 0.32
N ASP B 143 5.49 -12.34 -0.30
CA ASP B 143 6.36 -13.41 0.16
C ASP B 143 7.85 -13.10 0.05
N TYR B 144 8.17 -12.05 -0.70
CA TYR B 144 9.56 -11.65 -0.92
C TYR B 144 9.94 -10.41 -0.12
N VAL B 145 9.03 -9.93 0.71
CA VAL B 145 9.30 -8.72 1.49
C VAL B 145 9.46 -9.04 2.98
N ALA B 146 10.65 -8.74 3.51
CA ALA B 146 10.92 -8.87 4.94
C ALA B 146 11.49 -7.55 5.43
N ARG B 147 11.59 -7.38 6.75
CA ARG B 147 12.23 -6.18 7.29
C ARG B 147 12.95 -6.51 8.58
N VAL B 148 14.03 -5.78 8.85
CA VAL B 148 14.76 -5.96 10.11
C VAL B 148 14.41 -4.86 11.10
N SER B 149 13.49 -3.98 10.69
CA SER B 149 13.08 -2.87 11.53
C SER B 149 11.74 -3.16 12.19
N ALA B 150 11.75 -3.25 13.51
CA ALA B 150 10.52 -3.47 14.28
C ALA B 150 9.52 -2.35 13.97
N PRO B 151 8.23 -2.70 13.83
CA PRO B 151 7.23 -1.72 13.38
C PRO B 151 6.77 -0.75 14.45
N VAL B 152 6.05 0.27 14.01
CA VAL B 152 5.60 1.33 14.91
C VAL B 152 4.81 0.83 16.12
N SER B 153 4.07 -0.26 15.96
CA SER B 153 3.24 -0.74 17.07
C SER B 153 4.09 -1.23 18.24
N VAL B 154 5.31 -1.64 17.94
CA VAL B 154 6.23 -2.15 18.95
C VAL B 154 7.12 -1.03 19.49
N VAL B 155 7.57 -0.14 18.61
CA VAL B 155 8.57 0.86 18.95
C VAL B 155 7.99 2.11 19.62
N ALA B 156 6.97 2.69 18.99
CA ALA B 156 6.44 4.00 19.44
C ALA B 156 5.97 4.09 20.90
N PRO B 157 5.25 3.06 21.42
CA PRO B 157 4.77 3.22 22.80
C PRO B 157 5.89 3.42 23.81
N ASN B 158 7.09 2.92 23.53
CA ASN B 158 8.22 3.05 24.44
CA ASN B 158 8.22 3.05 24.44
C ASN B 158 8.51 4.50 24.82
N SER B 159 8.43 5.40 23.85
CA SER B 159 8.76 6.80 24.14
C SER B 159 7.70 7.50 24.98
N VAL B 160 6.43 7.14 24.78
CA VAL B 160 5.37 7.68 25.62
C VAL B 160 5.57 7.22 27.06
N LYS B 161 5.85 5.93 27.24
CA LYS B 161 6.10 5.39 28.57
C LYS B 161 7.30 6.06 29.24
N ALA B 162 8.35 6.31 28.46
CA ALA B 162 9.54 6.97 28.98
C ALA B 162 9.25 8.42 29.39
N ALA B 163 8.40 9.10 28.61
CA ALA B 163 8.06 10.48 28.93
C ALA B 163 7.30 10.57 30.25
N LEU B 164 6.39 9.62 30.45
CA LEU B 164 5.61 9.53 31.69
C LEU B 164 6.49 9.18 32.89
N LYS B 165 7.45 8.29 32.70
CA LYS B 165 8.37 7.92 33.77
C LYS B 165 9.18 9.14 34.18
N GLN B 166 9.58 9.94 33.19
CA GLN B 166 10.39 11.13 33.43
C GLN B 166 9.56 12.23 34.10
N ASN B 167 8.33 12.42 33.64
CA ASN B 167 7.43 13.42 34.24
C ASN B 167 6.05 12.85 34.48
N PRO B 168 5.82 12.31 35.68
CA PRO B 168 4.55 11.69 36.02
C PRO B 168 3.38 12.69 36.01
N ASN B 169 3.69 13.99 35.97
CA ASN B 169 2.65 15.00 35.94
C ASN B 169 2.06 15.26 34.56
N ILE B 170 2.55 14.57 33.53
CA ILE B 170 1.99 14.71 32.19
C ILE B 170 0.56 14.18 32.15
N LYS B 171 -0.37 15.03 31.68
CA LYS B 171 -1.76 14.64 31.54
C LYS B 171 -2.33 14.96 30.16
N LYS B 172 -1.95 16.10 29.61
CA LYS B 172 -2.46 16.55 28.32
C LYS B 172 -1.43 16.40 27.21
N VAL B 173 -1.85 15.79 26.10
CA VAL B 173 -0.95 15.51 24.99
C VAL B 173 -1.49 16.08 23.68
N ALA B 174 -0.64 16.83 22.97
CA ALA B 174 -0.96 17.30 21.63
C ALA B 174 -0.16 16.49 20.62
N VAL B 175 -0.82 16.05 19.55
CA VAL B 175 -0.18 15.19 18.57
C VAL B 175 -0.16 15.84 17.19
N PHE B 176 0.98 15.74 16.50
CA PHE B 176 1.17 16.28 15.15
C PHE B 176 1.58 15.15 14.22
N PHE B 177 1.09 15.15 12.99
CA PHE B 177 1.56 14.16 12.01
C PHE B 177 1.56 14.65 10.57
N ALA B 178 2.49 14.09 9.79
CA ALA B 178 2.61 14.39 8.38
C ALA B 178 1.62 13.56 7.58
N GLN B 179 0.55 14.21 7.11
CA GLN B 179 -0.55 13.49 6.51
C GLN B 179 -0.26 12.93 5.12
N ASN B 180 0.84 13.37 4.49
CA ASN B 180 1.20 12.89 3.16
C ASN B 180 2.16 11.70 3.19
N ASP B 181 2.55 11.27 4.39
CA ASP B 181 3.55 10.21 4.53
C ASP B 181 2.97 8.96 5.20
N ALA B 182 3.13 7.80 4.54
CA ALA B 182 2.50 6.56 4.99
C ALA B 182 2.96 6.12 6.39
N PHE B 183 4.26 6.21 6.64
CA PHE B 183 4.76 5.84 7.96
C PHE B 183 4.24 6.78 9.04
N SER B 184 4.22 8.08 8.74
CA SER B 184 3.78 9.06 9.73
C SER B 184 2.33 8.83 10.14
N LYS B 185 1.48 8.50 9.17
CA LYS B 185 0.09 8.18 9.46
C LYS B 185 -0.02 6.92 10.30
N SER B 186 0.80 5.93 10.00
CA SER B 186 0.76 4.68 10.74
C SER B 186 1.27 4.91 12.17
N GLU B 187 2.35 5.68 12.28
CA GLU B 187 2.95 5.93 13.59
C GLU B 187 2.02 6.75 14.48
N THR B 188 1.37 7.75 13.90
CA THR B 188 0.52 8.61 14.71
C THR B 188 -0.67 7.85 15.27
N GLU B 189 -1.16 6.83 14.57
CA GLU B 189 -2.27 6.06 15.09
C GLU B 189 -1.83 5.31 16.33
N ILE B 190 -0.60 4.79 16.32
CA ILE B 190 -0.06 4.12 17.50
C ILE B 190 0.16 5.11 18.65
N PHE B 191 0.75 6.26 18.36
CA PHE B 191 0.95 7.27 19.40
C PHE B 191 -0.38 7.68 20.02
N GLN B 192 -1.38 7.93 19.18
CA GLN B 192 -2.68 8.36 19.67
C GLN B 192 -3.35 7.29 20.53
N GLN B 193 -3.29 6.03 20.08
CA GLN B 193 -3.90 4.97 20.85
C GLN B 193 -3.17 4.76 22.18
N THR B 194 -1.85 4.93 22.16
CA THR B 194 -1.05 4.79 23.37
C THR B 194 -1.40 5.86 24.39
N VAL B 195 -1.55 7.10 23.92
CA VAL B 195 -1.98 8.20 24.77
C VAL B 195 -3.31 7.86 25.43
N LYS B 196 -4.26 7.39 24.63
CA LYS B 196 -5.56 7.00 25.17
C LYS B 196 -5.45 5.81 26.14
N ASP B 197 -4.70 4.79 25.73
CA ASP B 197 -4.58 3.56 26.54
C ASP B 197 -3.90 3.80 27.87
N GLN B 198 -3.02 4.79 27.92
CA GLN B 198 -2.31 5.13 29.15
C GLN B 198 -3.21 5.90 30.10
N GLY B 199 -4.32 6.43 29.59
CA GLY B 199 -5.24 7.20 30.38
C GLY B 199 -5.00 8.71 30.33
N LEU B 200 -4.32 9.16 29.27
CA LEU B 200 -4.00 10.58 29.11
C LEU B 200 -5.05 11.28 28.23
N GLU B 201 -5.00 12.62 28.22
CA GLU B 201 -5.89 13.40 27.36
C GLU B 201 -5.25 13.74 26.02
N LEU B 202 -5.95 13.38 24.95
CA LEU B 202 -5.56 13.77 23.60
C LEU B 202 -6.21 15.11 23.29
N VAL B 203 -5.50 16.20 23.55
CA VAL B 203 -6.12 17.52 23.46
C VAL B 203 -6.29 18.04 22.04
N THR B 204 -5.44 17.59 21.12
CA THR B 204 -5.59 17.93 19.72
C THR B 204 -4.73 17.04 18.85
N VAL B 205 -5.19 16.85 17.61
CA VAL B 205 -4.38 16.22 16.58
C VAL B 205 -4.23 17.21 15.44
N GLN B 206 -3.00 17.62 15.16
CA GLN B 206 -2.71 18.60 14.11
C GLN B 206 -2.00 17.93 12.93
N LYS B 207 -2.37 18.31 11.72
CA LYS B 207 -1.76 17.74 10.52
CA LYS B 207 -1.76 17.74 10.52
C LYS B 207 -0.83 18.75 9.85
N PHE B 208 0.17 18.23 9.15
CA PHE B 208 1.03 19.03 8.30
C PHE B 208 1.50 18.16 7.13
N GLN B 209 2.27 18.74 6.21
CA GLN B 209 2.87 18.01 5.10
C GLN B 209 4.38 18.00 5.29
N THR B 210 5.06 16.93 4.87
CA THR B 210 6.53 16.87 4.97
C THR B 210 7.21 17.99 4.20
N THR B 211 6.52 18.57 3.23
CA THR B 211 7.07 19.64 2.42
C THR B 211 6.85 21.04 3.01
N ASP B 212 6.04 21.13 4.06
CA ASP B 212 5.75 22.43 4.68
C ASP B 212 6.99 23.03 5.34
N THR B 213 7.06 24.36 5.36
CA THR B 213 8.11 25.05 6.10
C THR B 213 7.56 25.95 7.21
N ASP B 214 6.26 26.23 7.17
CA ASP B 214 5.61 27.11 8.14
C ASP B 214 4.63 26.29 8.96
N PHE B 215 4.85 26.19 10.27
CA PHE B 215 3.96 25.42 11.15
C PHE B 215 3.33 26.30 12.22
N GLN B 216 3.32 27.62 12.02
CA GLN B 216 2.84 28.55 13.03
CA GLN B 216 2.85 28.53 13.06
C GLN B 216 1.41 28.28 13.50
N SER B 217 0.50 28.07 12.55
CA SER B 217 -0.90 27.91 12.93
C SER B 217 -1.11 26.64 13.77
N GLN B 218 -0.54 25.52 13.34
CA GLN B 218 -0.71 24.27 14.09
C GLN B 218 -0.04 24.34 15.44
N ALA B 219 1.15 24.93 15.49
CA ALA B 219 1.89 25.07 16.75
C ALA B 219 1.10 25.91 17.74
N THR B 220 0.54 27.01 17.27
CA THR B 220 -0.25 27.88 18.14
C THR B 220 -1.52 27.19 18.63
N ASN B 221 -2.21 26.49 17.73
CA ASN B 221 -3.38 25.69 18.10
C ASN B 221 -3.07 24.77 19.27
N ALA B 222 -1.94 24.09 19.20
CA ALA B 222 -1.56 23.17 20.27
C ALA B 222 -1.18 23.91 21.54
N ILE B 223 -0.35 24.94 21.39
CA ILE B 223 0.15 25.68 22.54
C ILE B 223 -0.98 26.26 23.39
N ASN B 224 -2.04 26.73 22.74
CA ASN B 224 -3.15 27.34 23.46
C ASN B 224 -3.97 26.36 24.29
N LEU B 225 -3.78 25.06 24.04
CA LEU B 225 -4.41 24.03 24.86
C LEU B 225 -3.54 23.62 26.05
N LYS B 226 -2.38 24.26 26.16
CA LYS B 226 -1.44 24.02 27.26
C LYS B 226 -1.12 22.53 27.49
N PRO B 227 -0.61 21.84 26.45
CA PRO B 227 -0.28 20.44 26.66
C PRO B 227 0.97 20.27 27.52
N ASP B 228 1.08 19.11 28.17
CA ASP B 228 2.27 18.76 28.94
C ASP B 228 3.26 18.00 28.06
N LEU B 229 2.76 17.44 26.97
CA LEU B 229 3.57 16.61 26.07
C LEU B 229 3.11 16.85 24.65
N VAL B 230 4.07 16.97 23.73
CA VAL B 230 3.80 17.07 22.30
C VAL B 230 4.48 15.89 21.61
N ILE B 231 3.76 15.24 20.70
CA ILE B 231 4.30 14.10 19.95
C ILE B 231 4.27 14.44 18.47
N ILE B 232 5.40 14.25 17.78
CA ILE B 232 5.52 14.60 16.37
C ILE B 232 5.89 13.39 15.53
N SER B 233 5.02 13.05 14.57
CA SER B 233 5.32 12.02 13.57
C SER B 233 5.50 12.69 12.21
N GLY B 234 6.75 12.91 11.82
CA GLY B 234 7.08 13.39 10.49
C GLY B 234 8.42 12.83 10.10
N LEU B 235 9.06 13.46 9.12
CA LEU B 235 10.43 13.11 8.80
C LEU B 235 11.37 14.13 9.43
N ALA B 236 12.62 14.20 8.98
CA ALA B 236 13.65 14.91 9.74
C ALA B 236 13.65 16.43 9.53
N ALA B 237 13.67 16.86 8.27
CA ALA B 237 13.70 18.29 8.00
C ALA B 237 12.41 18.95 8.49
N ASP B 238 11.28 18.35 8.15
CA ASP B 238 9.99 18.86 8.62
C ASP B 238 9.83 18.74 10.14
N GLY B 239 10.11 17.56 10.68
CA GLY B 239 9.93 17.34 12.10
C GLY B 239 10.83 18.24 12.95
N GLY B 240 12.09 18.38 12.55
CA GLY B 240 13.00 19.26 13.27
C GLY B 240 12.57 20.71 13.24
N ASN B 241 12.04 21.15 12.10
CA ASN B 241 11.59 22.54 12.00
C ASN B 241 10.32 22.79 12.80
N LEU B 242 9.47 21.77 12.91
CA LEU B 242 8.29 21.86 13.78
C LEU B 242 8.71 21.96 15.26
N VAL B 243 9.67 21.15 15.68
CA VAL B 243 10.25 21.28 17.03
C VAL B 243 10.76 22.71 17.26
N ARG B 244 11.53 23.22 16.31
CA ARG B 244 12.09 24.56 16.42
C ARG B 244 10.98 25.60 16.58
N GLN B 245 9.95 25.50 15.75
CA GLN B 245 8.90 26.52 15.77
C GLN B 245 8.03 26.47 17.02
N LEU B 246 7.78 25.26 17.52
CA LEU B 246 7.11 25.08 18.81
C LEU B 246 7.88 25.77 19.94
N ARG B 247 9.19 25.50 20.01
CA ARG B 247 10.02 26.13 21.03
C ARG B 247 10.06 27.65 20.88
N GLU B 248 10.18 28.14 19.64
CA GLU B 248 10.23 29.58 19.38
CA GLU B 248 10.23 29.58 19.38
C GLU B 248 8.95 30.28 19.82
N LEU B 249 7.83 29.55 19.75
CA LEU B 249 6.53 30.10 20.14
C LEU B 249 6.26 29.91 21.64
N GLY B 250 7.25 29.41 22.36
CA GLY B 250 7.20 29.39 23.82
C GLY B 250 6.81 28.08 24.48
N TYR B 251 6.62 27.02 23.70
CA TYR B 251 6.26 25.74 24.28
C TYR B 251 7.43 25.20 25.09
N GLN B 252 7.20 24.90 26.36
CA GLN B 252 8.28 24.49 27.25
C GLN B 252 8.12 23.06 27.78
N GLY B 253 7.09 22.36 27.33
CA GLY B 253 6.81 21.02 27.81
C GLY B 253 7.64 19.95 27.12
N ALA B 254 7.31 18.69 27.40
CA ALA B 254 8.04 17.58 26.82
C ALA B 254 7.71 17.40 25.34
N ILE B 255 8.68 16.87 24.59
CA ILE B 255 8.46 16.54 23.19
C ILE B 255 8.98 15.15 22.89
N ILE B 256 8.16 14.35 22.21
CA ILE B 256 8.60 13.09 21.63
C ILE B 256 8.65 13.24 20.12
N GLY B 257 9.75 12.79 19.52
CA GLY B 257 9.83 12.67 18.07
C GLY B 257 9.70 11.22 17.70
N GLY B 258 8.96 10.94 16.62
CA GLY B 258 8.89 9.60 16.09
C GLY B 258 10.13 9.22 15.30
N ASP B 259 10.06 8.05 14.66
CA ASP B 259 11.24 7.48 14.01
C ASP B 259 11.78 8.32 12.85
N GLY B 260 10.92 9.12 12.23
CA GLY B 260 11.36 9.96 11.13
C GLY B 260 12.29 11.09 11.54
N LEU B 261 12.32 11.40 12.84
CA LEU B 261 13.22 12.41 13.39
C LEU B 261 14.48 11.76 13.94
N ASN B 262 14.56 10.42 13.86
CA ASN B 262 15.60 9.68 14.56
C ASN B 262 16.91 9.62 13.78
N THR B 263 17.49 10.79 13.55
CA THR B 263 18.77 10.89 12.86
C THR B 263 19.52 12.06 13.46
N SER B 264 20.83 11.94 13.61
CA SER B 264 21.62 13.04 14.15
CA SER B 264 21.66 13.02 14.13
C SER B 264 21.60 14.23 13.20
N ASN B 265 21.14 14.02 11.97
CA ASN B 265 20.98 15.15 11.05
C ASN B 265 19.91 16.13 11.50
N VAL B 266 19.02 15.68 12.39
CA VAL B 266 18.00 16.58 12.92
C VAL B 266 18.63 17.65 13.82
N PHE B 267 19.82 17.37 14.36
CA PHE B 267 20.48 18.31 15.27
C PHE B 267 20.78 19.63 14.56
N ALA B 268 21.04 19.54 13.26
CA ALA B 268 21.38 20.73 12.47
C ALA B 268 20.14 21.52 12.06
N VAL B 269 18.96 20.99 12.39
CA VAL B 269 17.71 21.65 12.04
C VAL B 269 17.20 22.43 13.24
N CYS B 270 16.95 21.76 14.35
CA CYS B 270 16.45 22.46 15.53
C CYS B 270 17.53 23.07 16.42
N LYS B 271 18.80 22.72 16.16
CA LYS B 271 19.93 23.29 16.90
C LYS B 271 19.76 23.09 18.40
N ALA B 272 20.04 24.10 19.22
CA ALA B 272 19.88 23.96 20.66
C ALA B 272 18.45 23.63 21.05
N LEU B 273 17.50 24.02 20.20
CA LEU B 273 16.09 23.77 20.49
C LEU B 273 15.67 22.29 20.32
N CYS B 274 16.59 21.44 19.84
CA CYS B 274 16.36 19.99 19.83
C CYS B 274 16.47 19.41 21.23
N ASP B 275 17.09 20.15 22.15
CA ASP B 275 17.44 19.59 23.45
C ASP B 275 16.23 19.03 24.19
N GLY B 276 16.35 17.79 24.66
CA GLY B 276 15.30 17.19 25.46
C GLY B 276 14.32 16.32 24.72
N VAL B 277 14.31 16.40 23.39
CA VAL B 277 13.41 15.57 22.59
C VAL B 277 13.67 14.08 22.84
N LEU B 278 12.60 13.34 23.13
CA LEU B 278 12.69 11.90 23.36
C LEU B 278 12.36 11.13 22.09
N ILE B 279 13.21 10.18 21.76
CA ILE B 279 12.99 9.36 20.57
C ILE B 279 13.28 7.89 20.87
N ALA B 280 12.30 7.03 20.61
CA ALA B 280 12.45 5.60 20.82
C ALA B 280 13.53 5.02 19.89
N GLN B 281 14.18 3.95 20.34
CA GLN B 281 15.32 3.40 19.62
C GLN B 281 15.20 1.89 19.51
N ALA B 282 15.57 1.35 18.36
CA ALA B 282 15.58 -0.08 18.13
C ALA B 282 17.00 -0.62 18.09
N TYR B 283 17.93 0.15 18.66
CA TYR B 283 19.35 -0.15 18.63
C TYR B 283 20.02 0.61 19.76
N SER B 284 21.04 0.03 20.39
CA SER B 284 21.85 0.76 21.35
C SER B 284 23.33 0.55 21.07
N PRO B 285 24.09 1.66 20.93
CA PRO B 285 25.54 1.54 20.73
C PRO B 285 26.23 0.72 21.82
N GLU B 286 25.64 0.70 23.01
CA GLU B 286 26.23 0.02 24.15
C GLU B 286 25.87 -1.47 24.28
N TYR B 287 25.01 -1.97 23.40
CA TYR B 287 24.70 -3.40 23.38
C TYR B 287 26.00 -4.19 23.23
N THR B 288 26.19 -5.21 24.05
CA THR B 288 27.50 -5.85 24.18
C THR B 288 27.80 -6.98 23.20
N GLY B 289 26.90 -7.21 22.24
CA GLY B 289 27.12 -8.25 21.25
C GLY B 289 28.43 -8.06 20.51
N GLU B 290 29.16 -9.15 20.27
CA GLU B 290 30.47 -9.08 19.64
C GLU B 290 30.43 -8.31 18.32
N ILE B 291 29.45 -8.59 17.49
CA ILE B 291 29.37 -7.93 16.19
C ILE B 291 29.01 -6.45 16.35
N ASN B 292 28.25 -6.11 17.39
CA ASN B 292 27.96 -4.72 17.63
C ASN B 292 29.22 -3.97 18.03
N LYS B 293 30.07 -4.62 18.82
CA LYS B 293 31.33 -4.01 19.21
C LYS B 293 32.17 -3.70 17.99
N ALA B 294 32.22 -4.64 17.04
CA ALA B 294 32.98 -4.44 15.82
C ALA B 294 32.35 -3.37 14.93
N PHE B 295 31.03 -3.42 14.78
CA PHE B 295 30.32 -2.42 14.01
C PHE B 295 30.51 -1.03 14.61
N ARG B 296 30.37 -0.93 15.92
CA ARG B 296 30.49 0.35 16.63
C ARG B 296 31.89 0.93 16.45
N GLN B 297 32.91 0.10 16.58
CA GLN B 297 34.28 0.57 16.46
C GLN B 297 34.55 1.11 15.06
N ALA B 298 34.05 0.41 14.05
CA ALA B 298 34.21 0.84 12.67
C ALA B 298 33.53 2.20 12.44
N TYR B 299 32.32 2.34 12.98
CA TYR B 299 31.59 3.59 12.85
C TYR B 299 32.29 4.74 13.56
N VAL B 300 32.72 4.51 14.80
CA VAL B 300 33.33 5.57 15.60
C VAL B 300 34.66 6.01 15.02
N ASP B 301 35.41 5.04 14.50
CA ASP B 301 36.71 5.32 13.90
C ASP B 301 36.57 6.30 12.73
N GLN B 302 35.49 6.17 11.99
CA GLN B 302 35.29 6.95 10.78
C GLN B 302 34.55 8.27 11.01
N TYR B 303 33.53 8.24 11.86
CA TYR B 303 32.63 9.38 12.00
C TYR B 303 32.76 10.15 13.31
N LYS B 304 33.50 9.60 14.27
CA LYS B 304 33.76 10.25 15.56
C LYS B 304 32.50 10.54 16.37
N LYS B 305 31.42 9.85 16.02
CA LYS B 305 30.16 9.90 16.76
C LYS B 305 29.69 8.47 16.96
N GLU B 306 28.78 8.25 17.91
CA GLU B 306 28.19 6.93 18.09
C GLU B 306 27.30 6.53 16.90
N PRO B 307 27.29 5.24 16.55
CA PRO B 307 26.45 4.80 15.42
C PRO B 307 24.95 5.02 15.68
N PRO B 308 24.26 5.63 14.71
CA PRO B 308 22.81 5.83 14.79
C PRO B 308 22.03 4.55 14.49
N GLN B 309 20.80 4.50 14.95
CA GLN B 309 19.92 3.37 14.67
C GLN B 309 19.86 3.00 13.20
N PHE B 310 19.71 3.99 12.34
CA PHE B 310 19.53 3.70 10.90
C PHE B 310 20.78 3.05 10.30
N SER B 311 21.96 3.42 10.80
CA SER B 311 23.20 2.79 10.35
C SER B 311 23.26 1.32 10.79
N ALA B 312 22.90 1.07 12.04
CA ALA B 312 22.90 -0.29 12.56
C ALA B 312 21.88 -1.17 11.83
N GLN B 313 20.72 -0.62 11.51
CA GLN B 313 19.69 -1.38 10.82
C GLN B 313 20.11 -1.72 9.39
N ALA B 314 20.75 -0.78 8.70
CA ALA B 314 21.26 -1.07 7.36
C ALA B 314 22.35 -2.14 7.40
N PHE B 315 23.23 -2.08 8.40
CA PHE B 315 24.25 -3.10 8.57
C PHE B 315 23.56 -4.46 8.75
N ALA B 316 22.54 -4.49 9.60
CA ALA B 316 21.84 -5.73 9.88
C ALA B 316 21.19 -6.33 8.63
N ALA B 317 20.63 -5.47 7.78
CA ALA B 317 20.02 -5.94 6.54
C ALA B 317 21.06 -6.57 5.62
N VAL B 318 22.22 -5.93 5.49
CA VAL B 318 23.29 -6.52 4.69
C VAL B 318 23.77 -7.84 5.32
N GLN B 319 23.90 -7.85 6.64
CA GLN B 319 24.29 -9.05 7.37
C GLN B 319 23.34 -10.22 7.10
N VAL B 320 22.05 -9.95 7.09
CA VAL B 320 21.07 -10.99 6.78
C VAL B 320 21.35 -11.60 5.41
N TYR B 321 21.60 -10.76 4.41
CA TYR B 321 21.93 -11.29 3.08
C TYR B 321 23.24 -12.08 3.06
N VAL B 322 24.29 -11.55 3.68
CA VAL B 322 25.57 -12.25 3.68
C VAL B 322 25.48 -13.62 4.36
N GLU B 323 24.86 -13.65 5.53
CA GLU B 323 24.80 -14.91 6.28
C GLU B 323 23.85 -15.90 5.64
N SER B 324 22.77 -15.42 5.01
CA SER B 324 21.88 -16.30 4.28
CA SER B 324 21.88 -16.32 4.30
C SER B 324 22.54 -16.85 3.02
N LEU B 325 23.31 -16.00 2.35
CA LEU B 325 24.06 -16.47 1.19
C LEU B 325 25.10 -17.52 1.59
N LYS B 326 25.79 -17.30 2.70
CA LYS B 326 26.73 -18.28 3.20
C LYS B 326 26.04 -19.61 3.51
N ALA B 327 24.88 -19.54 4.14
CA ALA B 327 24.16 -20.74 4.54
C ALA B 327 23.63 -21.50 3.32
N LEU B 328 23.10 -20.75 2.36
CA LEU B 328 22.62 -21.35 1.12
C LEU B 328 23.77 -21.97 0.34
N ASP B 329 24.88 -21.24 0.23
CA ASP B 329 26.05 -21.69 -0.50
C ASP B 329 26.64 -22.97 0.10
N THR B 330 26.58 -23.10 1.42
CA THR B 330 27.03 -24.31 2.10
C THR B 330 26.21 -25.53 1.68
N LYS B 331 24.90 -25.33 1.53
CA LYS B 331 23.99 -26.41 1.17
C LYS B 331 24.05 -26.70 -0.33
N ASN B 332 24.10 -25.61 -1.11
CA ASN B 332 24.05 -25.66 -2.55
CA ASN B 332 24.13 -25.71 -2.55
C ASN B 332 24.87 -24.51 -3.13
N LYS B 333 26.03 -24.80 -3.73
CA LYS B 333 26.94 -23.77 -4.24
C LYS B 333 26.23 -22.74 -5.11
N VAL B 334 26.28 -21.47 -4.70
CA VAL B 334 25.50 -20.44 -5.38
C VAL B 334 26.04 -20.07 -6.77
N SER B 335 27.31 -20.38 -7.01
CA SER B 335 27.93 -20.08 -8.30
C SER B 335 27.27 -20.86 -9.44
N LYS B 336 26.64 -21.98 -9.11
CA LYS B 336 26.03 -22.83 -10.13
C LYS B 336 24.51 -22.71 -10.18
N ILE B 337 23.95 -21.74 -9.47
CA ILE B 337 22.50 -21.53 -9.49
C ILE B 337 22.16 -20.36 -10.40
N GLN B 338 21.23 -20.57 -11.35
CA GLN B 338 20.76 -19.48 -12.21
C GLN B 338 20.08 -18.40 -11.37
N LEU B 339 20.17 -17.16 -11.84
CA LEU B 339 19.71 -16.01 -11.05
C LEU B 339 18.26 -16.08 -10.50
N PRO B 340 17.27 -16.44 -11.35
CA PRO B 340 15.92 -16.46 -10.80
C PRO B 340 15.75 -17.49 -9.67
N GLU B 341 16.34 -18.67 -9.83
CA GLU B 341 16.31 -19.67 -8.78
C GLU B 341 17.10 -19.25 -7.54
N LEU B 342 18.24 -18.60 -7.76
CA LEU B 342 19.04 -18.10 -6.64
C LEU B 342 18.26 -17.09 -5.81
N ARG B 343 17.58 -16.16 -6.46
CA ARG B 343 16.77 -15.18 -5.75
C ARG B 343 15.69 -15.86 -4.91
N THR B 344 15.04 -16.86 -5.47
CA THR B 344 13.98 -17.56 -4.77
C THR B 344 14.52 -18.37 -3.58
N GLU B 345 15.64 -19.07 -3.81
CA GLU B 345 16.25 -19.84 -2.73
C GLU B 345 16.81 -18.93 -1.63
N LEU B 346 17.33 -17.76 -2.02
CA LEU B 346 17.86 -16.82 -1.06
C LEU B 346 16.75 -16.26 -0.17
N ASN B 347 15.63 -15.91 -0.80
CA ASN B 347 14.46 -15.46 -0.06
C ASN B 347 13.99 -16.52 0.94
N LYS B 348 13.89 -17.76 0.50
CA LYS B 348 13.47 -18.83 1.39
C LYS B 348 14.46 -19.01 2.55
N GLN B 349 15.76 -18.99 2.24
CA GLN B 349 16.80 -19.15 3.24
C GLN B 349 16.76 -18.03 4.29
N LEU B 350 16.68 -16.78 3.86
CA LEU B 350 16.82 -15.68 4.81
C LEU B 350 15.71 -15.70 5.86
N LEU B 351 14.52 -16.12 5.46
CA LEU B 351 13.39 -16.17 6.40
C LEU B 351 13.58 -17.17 7.53
N THR B 352 14.43 -18.17 7.31
CA THR B 352 14.67 -19.20 8.30
C THR B 352 15.84 -18.92 9.25
N GLY B 353 16.60 -17.86 8.97
CA GLY B 353 17.83 -17.62 9.70
C GLY B 353 17.69 -16.98 11.07
N LYS B 354 18.70 -17.24 11.90
CA LYS B 354 18.86 -16.55 13.18
C LYS B 354 20.15 -15.74 13.05
N TYR B 355 20.11 -14.47 13.44
CA TYR B 355 21.24 -13.58 13.20
C TYR B 355 21.63 -12.80 14.44
N ASN B 356 22.89 -12.85 14.83
CA ASN B 356 23.40 -12.00 15.90
CA ASN B 356 23.36 -11.97 15.90
C ASN B 356 23.92 -10.70 15.31
N THR B 357 23.12 -9.65 15.34
CA THR B 357 23.39 -8.41 14.62
C THR B 357 23.68 -7.28 15.60
N PRO B 358 24.03 -6.08 15.06
CA PRO B 358 24.16 -4.95 16.00
C PRO B 358 22.86 -4.66 16.74
N LEU B 359 21.72 -5.06 16.17
CA LEU B 359 20.41 -4.85 16.78
C LEU B 359 20.10 -5.85 17.89
N GLY B 360 21.01 -6.81 18.08
CA GLY B 360 20.74 -7.95 18.94
C GLY B 360 20.47 -9.20 18.12
N GLU B 361 20.07 -10.26 18.81
CA GLU B 361 19.70 -11.49 18.14
C GLU B 361 18.33 -11.33 17.50
N ILE B 362 18.25 -11.50 16.19
CA ILE B 362 16.98 -11.36 15.48
C ILE B 362 16.72 -12.55 14.58
N SER B 363 15.47 -12.68 14.18
CA SER B 363 15.03 -13.71 13.24
C SER B 363 13.75 -13.18 12.61
N PHE B 364 13.09 -14.01 11.81
CA PHE B 364 11.87 -13.59 11.13
C PHE B 364 10.74 -14.55 11.44
N THR B 365 9.52 -14.02 11.45
CA THR B 365 8.35 -14.88 11.37
C THR B 365 8.17 -15.25 9.91
N PRO B 366 7.32 -16.25 9.61
CA PRO B 366 7.19 -16.67 8.20
C PRO B 366 6.69 -15.58 7.26
N ILE B 367 6.02 -14.56 7.77
CA ILE B 367 5.51 -13.48 6.93
C ILE B 367 6.56 -12.39 6.71
N GLY B 368 7.71 -12.54 7.37
CA GLY B 368 8.81 -11.61 7.13
C GLY B 368 8.90 -10.45 8.12
N GLU B 369 8.15 -10.55 9.21
CA GLU B 369 8.27 -9.60 10.31
C GLU B 369 9.49 -9.93 11.15
N VAL B 370 10.18 -8.91 11.65
CA VAL B 370 11.34 -9.15 12.47
C VAL B 370 10.94 -9.62 13.87
N VAL B 371 11.77 -10.49 14.44
CA VAL B 371 11.65 -10.88 15.84
C VAL B 371 12.83 -10.25 16.57
N GLN B 372 12.54 -9.30 17.45
CA GLN B 372 13.58 -8.58 18.18
C GLN B 372 13.09 -8.26 19.60
N LYS B 373 13.95 -8.48 20.58
CA LYS B 373 13.56 -8.39 21.99
C LYS B 373 13.74 -7.02 22.65
N ASP B 374 14.84 -6.34 22.35
CA ASP B 374 15.21 -5.16 23.14
C ASP B 374 15.01 -3.83 22.43
N PHE B 375 14.43 -2.89 23.17
CA PHE B 375 14.19 -1.55 22.67
C PHE B 375 14.58 -0.55 23.75
N TYR B 376 14.78 0.69 23.34
CA TYR B 376 15.30 1.71 24.24
C TYR B 376 14.63 3.03 23.94
N VAL B 377 14.88 4.03 24.78
CA VAL B 377 14.52 5.40 24.47
C VAL B 377 15.74 6.27 24.72
N ALA B 378 15.99 7.21 23.82
CA ALA B 378 17.08 8.17 23.99
C ALA B 378 16.53 9.59 24.00
N GLN B 379 17.33 10.50 24.55
CA GLN B 379 16.95 11.89 24.67
C GLN B 379 18.04 12.72 24.03
N ILE B 380 17.66 13.66 23.17
CA ILE B 380 18.65 14.51 22.54
C ILE B 380 19.28 15.45 23.56
N LYS B 381 20.61 15.45 23.61
CA LYS B 381 21.34 16.38 24.46
C LYS B 381 22.18 17.28 23.57
N GLU B 383 24.66 20.66 22.88
CA GLU B 383 25.59 21.61 23.47
CA GLU B 383 25.56 21.60 23.53
C GLU B 383 24.88 22.96 23.50
N LYS B 384 25.26 23.81 24.45
CA LYS B 384 24.63 25.12 24.65
C LYS B 384 24.53 25.95 23.39
N ASP B 385 25.61 25.98 22.60
CA ASP B 385 25.63 26.79 21.38
C ASP B 385 24.93 26.12 20.19
N GLY B 386 24.42 24.90 20.43
CA GLY B 386 23.66 24.19 19.42
C GLY B 386 24.46 23.58 18.28
N SER B 387 25.78 23.60 18.38
CA SER B 387 26.65 23.19 17.27
C SER B 387 26.89 21.70 17.19
N GLN B 388 26.64 20.98 18.28
CA GLN B 388 26.83 19.54 18.33
C GLN B 388 25.78 18.95 19.26
N GLY B 389 25.43 17.69 19.04
CA GLY B 389 24.51 17.02 19.93
C GLY B 389 24.75 15.52 19.96
N LYS B 390 24.03 14.83 20.83
CA LYS B 390 24.11 13.38 20.90
C LYS B 390 22.83 12.80 21.47
N PHE B 391 22.59 11.52 21.20
CA PHE B 391 21.48 10.81 21.80
C PHE B 391 21.94 10.18 23.11
N THR B 392 21.35 10.60 24.22
CA THR B 392 21.64 10.02 25.52
C THR B 392 20.63 8.95 25.85
N PHE B 393 21.10 7.73 26.04
CA PHE B 393 20.20 6.61 26.30
C PHE B 393 19.73 6.57 27.74
N LEU B 394 18.40 6.51 27.90
CA LEU B 394 17.80 6.41 29.23
C LEU B 394 18.01 5.02 29.79
N LYS B 395 18.17 4.94 31.10
CA LYS B 395 18.40 3.65 31.76
C LYS B 395 17.09 2.97 32.11
#